data_5S7F
#
_entry.id   5S7F
#
_cell.length_a   127.320
_cell.length_b   84.739
_cell.length_c   88.067
_cell.angle_alpha   90.000
_cell.angle_beta   131.020
_cell.angle_gamma   90.000
#
_symmetry.space_group_name_H-M   'C 1 2 1'
#
loop_
_entity.id
_entity.type
_entity.pdbx_description
1 polymer 'Activin receptor type-1'
2 non-polymer 4-methyl-3-[4-(1-methylpiperidin-4-yl)phenyl]-5-(3,4,5-trimethoxyphenyl)pyridine
3 non-polymer 1,2-ETHANEDIOL
4 non-polymer 'DIMETHYL SULFOXIDE'
5 non-polymer 'L(+)-TARTARIC ACID'
6 non-polymer 'SULFATE ION'
7 non-polymer [(3R)-pyrazolidin-3-yl]methanol
8 water water
#
_entity_poly.entity_id   1
_entity_poly.type   'polypeptide(L)'
_entity_poly.pdbx_seq_one_letter_code
;SMQRTVARDITLLECVGKGRYGEVWRGSWQGENVAVKIFSSRDEKSWFRETELYNTVMLRHENILGFIASDMTSRHSSTQ
LWLITHYHEMGSLYDYLQLTTLDTVSCLRIVLSIASGLAHLHIEIFGTQGKPAIAHRDLKSKNILVKKNGQCCIADLGLA
VMHSQSTNQLDVGNNPRVGTKRYMAPEVLDETIQVDCFDSYKRVDIWAFGLVLWEVARRMVSNGIVEDYKPPFYDVVPND
PSFEDMRKVVCVDQQRPNIPNRWFSDPTLTSLAKLMKECWYQNPSARLTALRIKKTLTKID
;
_entity_poly.pdbx_strand_id   A,B
#
loop_
_chem_comp.id
_chem_comp.type
_chem_comp.name
_chem_comp.formula
DMS non-polymer 'DIMETHYL SULFOXIDE' 'C2 H6 O S'
EDO non-polymer 1,2-ETHANEDIOL 'C2 H6 O2'
LU8 non-polymer 4-methyl-3-[4-(1-methylpiperidin-4-yl)phenyl]-5-(3,4,5-trimethoxyphenyl)pyridine 'C27 H32 N2 O3'
SO4 non-polymer 'SULFATE ION' 'O4 S -2'
TLA non-polymer 'L(+)-TARTARIC ACID' 'C4 H6 O6'
XH4 non-polymer [(3R)-pyrazolidin-3-yl]methanol 'C4 H10 N2 O'
#
# COMPACT_ATOMS: atom_id res chain seq x y z
N ARG A 4 24.20 26.30 22.51
CA ARG A 4 24.88 25.80 21.28
C ARG A 4 24.66 26.80 20.13
N THR A 5 25.41 26.63 19.06
CA THR A 5 25.40 27.49 17.86
C THR A 5 24.31 26.96 16.95
N VAL A 6 23.46 27.87 16.46
CA VAL A 6 22.42 27.56 15.44
C VAL A 6 22.80 28.35 14.18
N ALA A 7 23.47 27.67 13.26
CA ALA A 7 23.95 28.27 12.00
C ALA A 7 22.78 28.30 11.01
N ARG A 8 22.29 29.48 10.69
CA ARG A 8 21.06 29.73 9.90
C ARG A 8 21.39 30.46 8.59
N ASP A 9 22.61 30.99 8.46
CA ASP A 9 22.99 31.74 7.24
C ASP A 9 22.86 30.78 6.06
N ILE A 10 22.13 31.19 5.03
CA ILE A 10 22.10 30.53 3.71
C ILE A 10 22.71 31.52 2.72
N THR A 11 23.73 31.11 1.96
CA THR A 11 24.27 31.90 0.84
C THR A 11 23.41 31.65 -0.40
N LEU A 12 22.78 32.70 -0.96
CA LEU A 12 22.02 32.59 -2.23
C LEU A 12 23.04 32.72 -3.36
N LEU A 13 23.11 31.76 -4.28
CA LEU A 13 24.22 31.68 -5.25
C LEU A 13 23.68 31.98 -6.64
N GLU A 14 22.53 31.44 -7.01
CA GLU A 14 22.07 31.49 -8.42
C GLU A 14 20.54 31.55 -8.40
N CYS A 15 19.91 32.48 -9.11
CA CYS A 15 18.44 32.44 -9.30
C CYS A 15 18.12 31.41 -10.37
N VAL A 16 17.28 30.41 -10.06
CA VAL A 16 16.93 29.30 -10.99
C VAL A 16 15.46 29.41 -11.40
N GLY A 17 14.74 30.43 -10.95
CA GLY A 17 13.35 30.61 -11.34
C GLY A 17 12.83 31.92 -10.84
N LYS A 18 12.09 32.63 -11.67
CA LYS A 18 11.44 33.92 -11.30
C LYS A 18 10.05 33.90 -11.93
N GLY A 19 9.06 34.36 -11.20
CA GLY A 19 7.66 34.38 -11.66
C GLY A 19 6.88 35.40 -10.86
N ARG A 20 5.56 35.35 -11.00
CA ARG A 20 4.60 36.04 -10.10
C ARG A 20 4.71 35.45 -8.68
N TYR A 21 4.93 34.13 -8.49
CA TYR A 21 5.05 33.50 -7.14
C TYR A 21 6.14 34.19 -6.31
N GLY A 22 7.14 34.80 -6.97
CA GLY A 22 8.44 35.10 -6.35
C GLY A 22 9.58 34.49 -7.12
N GLU A 23 10.58 34.00 -6.42
CA GLU A 23 11.85 33.51 -7.01
C GLU A 23 12.26 32.20 -6.37
N VAL A 24 12.98 31.33 -7.09
CA VAL A 24 13.70 30.20 -6.45
C VAL A 24 15.19 30.39 -6.72
N TRP A 25 15.97 30.15 -5.68
CA TRP A 25 17.45 30.27 -5.67
C TRP A 25 18.08 28.95 -5.30
N ARG A 26 19.16 28.62 -6.00
CA ARG A 26 20.15 27.68 -5.46
C ARG A 26 20.87 28.38 -4.33
N GLY A 27 20.90 27.76 -3.17
CA GLY A 27 21.62 28.30 -2.01
C GLY A 27 22.52 27.26 -1.41
N SER A 28 23.31 27.71 -0.45
CA SER A 28 24.28 26.84 0.22
C SER A 28 24.07 27.01 1.72
N TRP A 29 23.99 25.89 2.42
CA TRP A 29 23.94 25.83 3.89
C TRP A 29 24.91 24.76 4.36
N GLN A 30 25.91 25.12 5.17
CA GLN A 30 26.89 24.16 5.73
C GLN A 30 27.49 23.30 4.61
N GLY A 31 27.76 23.90 3.46
CA GLY A 31 28.48 23.24 2.35
C GLY A 31 27.60 22.38 1.47
N GLU A 32 26.27 22.39 1.69
CA GLU A 32 25.27 21.56 0.94
C GLU A 32 24.34 22.47 0.15
N ASN A 33 23.92 22.02 -1.02
CA ASN A 33 22.99 22.83 -1.85
C ASN A 33 21.60 22.72 -1.18
N VAL A 34 20.92 23.83 -1.17
CA VAL A 34 19.48 23.87 -0.81
C VAL A 34 18.80 24.73 -1.85
N ALA A 35 17.49 24.58 -1.98
CA ALA A 35 16.65 25.41 -2.83
C ALA A 35 15.88 26.38 -1.93
N VAL A 36 15.86 27.66 -2.26
CA VAL A 36 15.18 28.68 -1.44
C VAL A 36 14.12 29.33 -2.28
N LYS A 37 12.86 29.13 -1.97
CA LYS A 37 11.75 29.86 -2.60
C LYS A 37 11.44 31.09 -1.77
N ILE A 38 11.57 32.24 -2.39
CA ILE A 38 11.28 33.54 -1.75
C ILE A 38 9.92 34.00 -2.29
N PHE A 39 8.93 34.14 -1.44
CA PHE A 39 7.54 34.41 -1.87
C PHE A 39 7.31 35.91 -2.07
N SER A 40 6.63 36.23 -3.16
CA SER A 40 6.05 37.59 -3.32
C SER A 40 4.99 37.83 -2.25
N SER A 41 4.73 39.08 -1.88
CA SER A 41 3.66 39.39 -0.89
C SER A 41 2.31 38.89 -1.44
N ARG A 42 2.14 38.92 -2.76
CA ARG A 42 0.90 38.54 -3.46
C ARG A 42 0.62 37.05 -3.27
N ASP A 43 1.66 36.23 -2.99
CA ASP A 43 1.47 34.76 -2.88
C ASP A 43 1.84 34.27 -1.48
N GLU A 44 1.70 35.12 -0.48
CA GLU A 44 1.95 34.73 0.91
C GLU A 44 1.10 33.51 1.26
N LYS A 45 -0.14 33.39 0.81
CA LYS A 45 -1.02 32.30 1.29
C LYS A 45 -0.42 30.95 0.87
N SER A 46 0.32 30.87 -0.21
CA SER A 46 1.00 29.60 -0.62
C SER A 46 2.04 29.22 0.45
N TRP A 47 2.82 30.17 0.94
CA TRP A 47 3.78 29.85 2.03
C TRP A 47 3.01 29.38 3.26
N PHE A 48 1.96 30.08 3.64
CA PHE A 48 1.17 29.67 4.83
C PHE A 48 0.59 28.30 4.66
N ARG A 49 0.06 27.99 3.48
CA ARG A 49 -0.60 26.66 3.33
C ARG A 49 0.44 25.53 3.35
N GLU A 50 1.57 25.70 2.70
CA GLU A 50 2.59 24.64 2.70
C GLU A 50 3.14 24.48 4.11
N THR A 51 3.37 25.59 4.79
CA THR A 51 3.87 25.59 6.18
C THR A 51 2.83 24.88 7.07
N GLU A 52 1.54 25.25 6.98
CA GLU A 52 0.50 24.61 7.82
C GLU A 52 0.47 23.12 7.55
N LEU A 53 0.63 22.70 6.31
CA LEU A 53 0.59 21.25 6.00
C LEU A 53 1.77 20.55 6.66
N TYR A 54 2.98 21.09 6.50
CA TYR A 54 4.18 20.44 7.07
C TYR A 54 4.19 20.52 8.60
N ASN A 55 3.50 21.47 9.20
CA ASN A 55 3.35 21.54 10.67
C ASN A 55 2.34 20.49 11.09
N THR A 56 1.47 20.04 10.22
CA THR A 56 0.49 18.97 10.47
C THR A 56 1.11 17.60 10.25
N VAL A 57 1.82 17.40 9.15
CA VAL A 57 2.43 16.11 8.80
C VAL A 57 3.77 16.39 8.13
N MET A 58 4.83 15.81 8.66
CA MET A 58 6.16 15.98 8.08
C MET A 58 6.34 14.90 6.98
N LEU A 59 5.88 15.24 5.79
CA LEU A 59 5.94 14.30 4.66
C LEU A 59 7.38 13.94 4.41
N ARG A 60 7.66 12.66 4.23
CA ARG A 60 8.99 12.18 3.87
C ARG A 60 8.85 11.07 2.86
N HIS A 61 9.14 11.32 1.61
CA HIS A 61 8.92 10.34 0.53
C HIS A 61 9.88 10.67 -0.58
N GLU A 62 10.46 9.67 -1.21
CA GLU A 62 11.49 9.86 -2.24
C GLU A 62 10.94 10.61 -3.45
N ASN A 63 9.62 10.61 -3.64
CA ASN A 63 9.01 11.29 -4.81
C ASN A 63 8.23 12.53 -4.40
N ILE A 64 8.51 13.07 -3.23
N ILE A 64 8.52 13.10 -3.24
CA ILE A 64 8.01 14.39 -2.77
CA ILE A 64 8.00 14.43 -2.85
C ILE A 64 9.23 15.28 -2.50
C ILE A 64 9.18 15.30 -2.45
N LEU A 65 9.22 16.50 -3.01
CA LEU A 65 10.38 17.39 -2.76
C LEU A 65 10.63 17.51 -1.24
N GLY A 66 11.87 17.32 -0.86
CA GLY A 66 12.16 17.21 0.58
C GLY A 66 12.15 18.52 1.32
N PHE A 67 11.29 18.65 2.32
CA PHE A 67 11.23 19.84 3.17
C PHE A 67 12.47 19.99 4.05
N ILE A 68 12.99 21.20 4.18
CA ILE A 68 14.05 21.52 5.17
C ILE A 68 13.50 22.56 6.15
N ALA A 69 12.97 23.68 5.69
CA ALA A 69 12.55 24.72 6.62
C ALA A 69 11.54 25.68 6.02
N SER A 70 10.74 26.30 6.86
CA SER A 70 9.92 27.49 6.57
C SER A 70 10.40 28.62 7.47
N ASP A 71 10.75 29.75 6.89
CA ASP A 71 11.27 30.90 7.63
C ASP A 71 10.43 32.12 7.37
N MET A 72 10.05 32.78 8.42
CA MET A 72 9.45 34.13 8.38
C MET A 72 10.43 35.10 9.07
N THR A 73 10.83 36.17 8.40
CA THR A 73 11.78 37.16 8.97
C THR A 73 11.14 38.54 8.89
N SER A 74 11.12 39.23 10.01
CA SER A 74 10.63 40.63 10.12
C SER A 74 11.61 41.56 9.38
N ARG A 75 11.09 42.37 8.48
CA ARG A 75 11.86 43.47 7.82
C ARG A 75 11.25 44.80 8.24
N HIS A 76 11.96 45.91 8.00
CA HIS A 76 11.55 47.29 8.41
C HIS A 76 10.06 47.47 8.13
N SER A 77 9.62 47.21 6.89
CA SER A 77 8.24 47.56 6.43
C SER A 77 7.55 46.36 5.79
N SER A 78 8.05 45.14 6.00
CA SER A 78 7.49 43.94 5.31
C SER A 78 7.87 42.68 6.09
N THR A 79 7.26 41.58 5.70
CA THR A 79 7.58 40.22 6.21
C THR A 79 8.19 39.42 5.06
N GLN A 80 9.35 38.80 5.26
CA GLN A 80 10.05 38.00 4.23
C GLN A 80 9.71 36.53 4.51
N LEU A 81 9.29 35.80 3.48
CA LEU A 81 8.86 34.40 3.63
C LEU A 81 9.71 33.54 2.71
N TRP A 82 10.40 32.57 3.28
CA TRP A 82 11.23 31.61 2.53
C TRP A 82 10.75 30.18 2.81
N LEU A 83 10.74 29.33 1.79
CA LEU A 83 10.61 27.88 1.95
C LEU A 83 11.91 27.30 1.45
N ILE A 84 12.54 26.46 2.27
CA ILE A 84 13.83 25.85 1.96
C ILE A 84 13.64 24.35 1.81
N THR A 85 14.11 23.81 0.68
CA THR A 85 13.94 22.40 0.36
C THR A 85 15.25 21.80 -0.13
N HIS A 86 15.27 20.51 -0.32
CA HIS A 86 16.31 19.87 -1.14
C HIS A 86 16.42 20.55 -2.50
N TYR A 87 17.63 20.47 -3.08
CA TYR A 87 17.90 21.08 -4.38
C TYR A 87 18.13 19.96 -5.41
N HIS A 88 17.46 20.06 -6.55
CA HIS A 88 17.61 19.07 -7.64
C HIS A 88 18.21 19.76 -8.86
N GLU A 89 19.51 19.55 -9.06
CA GLU A 89 20.26 20.36 -10.04
C GLU A 89 19.78 20.11 -11.47
N MET A 90 19.08 19.00 -11.77
CA MET A 90 18.60 18.74 -13.13
C MET A 90 17.41 19.61 -13.47
N GLY A 91 16.77 20.25 -12.47
CA GLY A 91 15.64 21.14 -12.69
C GLY A 91 14.32 20.43 -12.91
N SER A 92 13.37 21.16 -13.42
CA SER A 92 11.99 20.64 -13.53
C SER A 92 11.86 19.68 -14.70
N LEU A 93 10.87 18.81 -14.62
CA LEU A 93 10.52 17.93 -15.76
C LEU A 93 10.21 18.75 -17.01
N TYR A 94 9.50 19.83 -16.88
CA TYR A 94 9.20 20.75 -18.01
C TYR A 94 10.51 21.13 -18.72
N ASP A 95 11.54 21.60 -18.04
N ASP A 95 11.50 21.56 -17.93
CA ASP A 95 12.75 22.00 -18.82
CA ASP A 95 12.84 21.99 -18.40
C ASP A 95 13.48 20.73 -19.30
C ASP A 95 13.50 20.82 -19.15
N TYR A 96 13.51 19.67 -18.50
CA TYR A 96 14.25 18.47 -18.90
C TYR A 96 13.70 17.96 -20.21
N LEU A 97 12.38 17.94 -20.38
CA LEU A 97 11.80 17.35 -21.60
C LEU A 97 12.05 18.24 -22.80
N GLN A 98 12.46 19.50 -22.65
CA GLN A 98 12.63 20.37 -23.83
C GLN A 98 13.81 19.89 -24.67
N LEU A 99 14.85 19.43 -24.01
CA LEU A 99 16.23 19.19 -24.56
C LEU A 99 16.68 17.75 -24.30
N THR A 100 15.78 16.84 -23.93
CA THR A 100 16.12 15.43 -23.73
C THR A 100 15.01 14.57 -24.36
N THR A 101 15.39 13.50 -25.04
CA THR A 101 14.47 12.40 -25.37
C THR A 101 14.70 11.25 -24.42
N LEU A 102 13.75 10.31 -24.39
CA LEU A 102 13.70 9.24 -23.40
C LEU A 102 13.66 7.88 -24.09
N ASP A 103 14.21 6.85 -23.46
CA ASP A 103 13.96 5.46 -23.87
C ASP A 103 12.85 4.85 -23.02
N THR A 104 12.44 3.65 -23.28
CA THR A 104 11.35 2.98 -22.58
C THR A 104 11.62 2.96 -21.07
N VAL A 105 12.78 2.52 -20.64
CA VAL A 105 13.09 2.41 -19.19
C VAL A 105 13.00 3.79 -18.56
N SER A 106 13.61 4.81 -19.14
N SER A 106 13.57 4.81 -19.17
CA SER A 106 13.62 6.16 -18.52
CA SER A 106 13.64 6.16 -18.54
C SER A 106 12.18 6.67 -18.45
C SER A 106 12.27 6.84 -18.53
N CYS A 107 11.45 6.59 -19.56
CA CYS A 107 10.08 7.10 -19.58
C CYS A 107 9.28 6.43 -18.45
N LEU A 108 9.24 5.12 -18.34
CA LEU A 108 8.48 4.42 -17.31
C LEU A 108 8.98 4.84 -15.92
N ARG A 109 10.27 4.98 -15.74
CA ARG A 109 10.81 5.31 -14.40
C ARG A 109 10.30 6.69 -13.97
N ILE A 110 10.27 7.65 -14.88
CA ILE A 110 9.74 8.99 -14.62
C ILE A 110 8.28 8.88 -14.22
N VAL A 111 7.46 8.29 -15.05
CA VAL A 111 6.00 8.34 -14.78
C VAL A 111 5.60 7.51 -13.57
N LEU A 112 6.24 6.37 -13.38
CA LEU A 112 5.96 5.55 -12.18
C LEU A 112 6.38 6.32 -10.94
N SER A 113 7.49 7.05 -10.98
CA SER A 113 7.94 7.81 -9.77
C SER A 113 6.91 8.91 -9.45
N ILE A 114 6.36 9.55 -10.49
CA ILE A 114 5.35 10.60 -10.24
C ILE A 114 4.10 9.95 -9.64
N ALA A 115 3.65 8.84 -10.22
CA ALA A 115 2.48 8.12 -9.70
C ALA A 115 2.70 7.74 -8.24
N SER A 116 3.93 7.34 -7.92
N SER A 116 3.92 7.31 -7.90
CA SER A 116 4.27 6.90 -6.56
CA SER A 116 4.24 6.88 -6.51
C SER A 116 4.13 8.09 -5.60
C SER A 116 4.14 8.08 -5.58
N GLY A 117 4.70 9.23 -5.97
CA GLY A 117 4.58 10.43 -5.11
C GLY A 117 3.12 10.82 -4.97
N LEU A 118 2.37 10.76 -6.07
CA LEU A 118 0.96 11.20 -6.02
C LEU A 118 0.11 10.27 -5.16
N ALA A 119 0.33 8.96 -5.29
CA ALA A 119 -0.40 7.98 -4.48
C ALA A 119 -0.06 8.20 -3.01
N HIS A 120 1.18 8.55 -2.70
CA HIS A 120 1.56 8.82 -1.32
C HIS A 120 0.81 10.05 -0.80
N LEU A 121 0.73 11.11 -1.59
CA LEU A 121 -0.08 12.27 -1.17
C LEU A 121 -1.51 11.83 -0.90
N HIS A 122 -2.12 11.14 -1.83
CA HIS A 122 -3.55 10.85 -1.81
C HIS A 122 -3.96 9.93 -0.63
N ILE A 123 -3.08 9.08 -0.17
CA ILE A 123 -3.50 7.97 0.76
C ILE A 123 -3.56 8.46 2.20
N GLU A 124 -4.65 8.22 2.90
CA GLU A 124 -4.68 8.44 4.35
C GLU A 124 -4.05 7.24 5.03
N ILE A 125 -3.12 7.50 5.94
CA ILE A 125 -2.45 6.44 6.75
C ILE A 125 -2.88 6.70 8.20
N PHE A 126 -3.37 5.67 8.88
CA PHE A 126 -3.80 5.81 10.30
C PHE A 126 -2.60 5.57 11.23
N GLY A 127 -2.62 6.24 12.41
CA GLY A 127 -1.59 6.14 13.46
C GLY A 127 -0.90 7.47 13.71
N GLY A 130 1.33 8.29 10.84
CA GLY A 130 0.42 8.31 9.67
C GLY A 130 0.33 9.68 9.03
N LYS A 131 -0.74 9.91 8.26
CA LYS A 131 -0.88 11.18 7.48
C LYS A 131 -2.31 11.31 7.04
N PRO A 132 -2.81 12.55 6.92
CA PRO A 132 -4.06 12.81 6.25
C PRO A 132 -3.88 12.58 4.75
N ALA A 133 -4.97 12.26 4.09
CA ALA A 133 -5.03 12.32 2.62
C ALA A 133 -4.79 13.77 2.17
N ILE A 134 -4.08 13.93 1.05
CA ILE A 134 -3.70 15.25 0.52
C ILE A 134 -3.96 15.21 -0.97
N ALA A 135 -4.61 16.25 -1.47
CA ALA A 135 -4.70 16.52 -2.93
C ALA A 135 -3.80 17.72 -3.25
N HIS A 136 -3.08 17.69 -4.35
CA HIS A 136 -2.08 18.71 -4.73
C HIS A 136 -2.72 19.96 -5.29
N ARG A 137 -3.59 19.79 -6.28
CA ARG A 137 -4.40 20.86 -6.91
C ARG A 137 -3.62 21.73 -7.89
N ASP A 138 -2.32 21.52 -8.12
CA ASP A 138 -1.63 22.26 -9.21
C ASP A 138 -0.56 21.34 -9.82
N LEU A 139 -0.91 20.09 -10.12
CA LEU A 139 0.09 19.16 -10.67
C LEU A 139 0.32 19.53 -12.12
N LYS A 140 1.59 19.60 -12.52
CA LYS A 140 1.99 19.96 -13.89
C LYS A 140 3.49 19.69 -13.98
N SER A 141 4.04 19.70 -15.18
CA SER A 141 5.46 19.35 -15.37
C SER A 141 6.40 20.36 -14.73
N LYS A 142 6.01 21.63 -14.61
CA LYS A 142 6.89 22.64 -13.91
C LYS A 142 6.93 22.35 -12.41
N ASN A 143 5.96 21.61 -11.86
CA ASN A 143 5.91 21.30 -10.41
C ASN A 143 6.44 19.91 -10.14
N ILE A 144 7.23 19.38 -11.05
CA ILE A 144 7.90 18.05 -10.86
C ILE A 144 9.38 18.24 -11.11
N LEU A 145 10.26 17.77 -10.23
CA LEU A 145 11.71 17.92 -10.36
CA LEU A 145 11.70 17.92 -10.41
C LEU A 145 12.32 16.57 -10.77
N VAL A 146 13.37 16.62 -11.54
CA VAL A 146 14.09 15.40 -11.99
C VAL A 146 15.26 15.18 -11.04
N LYS A 147 15.41 13.96 -10.55
CA LYS A 147 16.56 13.60 -9.70
C LYS A 147 17.60 12.88 -10.53
N LYS A 148 18.84 12.91 -10.02
CA LYS A 148 19.96 12.27 -10.73
C LYS A 148 19.71 10.78 -10.96
N ASN A 149 18.96 10.10 -10.08
CA ASN A 149 18.73 8.65 -10.20
C ASN A 149 17.61 8.31 -11.20
N GLY A 150 17.09 9.32 -11.89
CA GLY A 150 16.11 9.08 -12.95
C GLY A 150 14.67 9.08 -12.48
N GLN A 151 14.45 9.13 -11.19
CA GLN A 151 13.10 9.31 -10.62
C GLN A 151 12.85 10.80 -10.51
N CYS A 152 11.58 11.18 -10.34
CA CYS A 152 11.13 12.56 -10.12
C CYS A 152 10.60 12.73 -8.73
N CYS A 153 10.39 13.98 -8.36
CA CYS A 153 9.64 14.32 -7.14
C CYS A 153 8.68 15.47 -7.38
N ILE A 154 7.57 15.40 -6.67
CA ILE A 154 6.50 16.41 -6.77
C ILE A 154 6.78 17.56 -5.85
N ALA A 155 6.62 18.77 -6.34
CA ALA A 155 6.88 20.04 -5.62
C ALA A 155 5.62 20.89 -5.59
N ASP A 156 5.62 21.82 -4.65
CA ASP A 156 4.69 22.96 -4.51
C ASP A 156 3.37 22.52 -3.93
N LEU A 157 3.27 22.53 -2.59
CA LEU A 157 2.02 22.18 -1.89
C LEU A 157 1.28 23.43 -1.41
N GLY A 158 1.50 24.54 -2.12
CA GLY A 158 0.89 25.82 -1.76
C GLY A 158 -0.60 25.85 -1.96
N LEU A 159 -1.18 24.96 -2.81
N LEU A 159 -1.13 24.94 -2.76
CA LEU A 159 -2.67 24.85 -3.00
CA LEU A 159 -2.58 24.89 -3.00
C LEU A 159 -3.22 23.56 -2.41
C LEU A 159 -3.16 23.59 -2.49
N ALA A 160 -2.35 22.78 -1.76
CA ALA A 160 -2.75 21.42 -1.37
C ALA A 160 -3.90 21.50 -0.37
N VAL A 161 -4.75 20.49 -0.37
CA VAL A 161 -5.82 20.31 0.63
C VAL A 161 -5.68 18.98 1.35
N MET A 162 -5.90 19.03 2.66
CA MET A 162 -5.83 17.86 3.56
C MET A 162 -7.25 17.39 3.90
N HIS A 163 -7.40 16.10 4.06
CA HIS A 163 -8.63 15.43 4.59
C HIS A 163 -8.28 14.50 5.76
N ARG A 177 -5.22 32.02 -5.02
CA ARG A 177 -4.54 31.20 -6.07
C ARG A 177 -5.49 30.11 -6.53
N VAL A 178 -5.52 29.81 -7.83
CA VAL A 178 -6.26 28.63 -8.34
C VAL A 178 -5.26 27.81 -9.13
N GLY A 179 -5.64 26.62 -9.54
CA GLY A 179 -4.71 25.79 -10.32
C GLY A 179 -4.36 26.43 -11.68
N THR A 180 -3.30 25.96 -12.29
CA THR A 180 -2.91 26.36 -13.65
C THR A 180 -4.02 25.99 -14.63
N LYS A 181 -4.54 26.97 -15.36
CA LYS A 181 -5.76 26.76 -16.16
CA LYS A 181 -5.75 26.75 -16.14
C LYS A 181 -5.56 25.70 -17.24
N ARG A 182 -4.39 25.62 -17.85
CA ARG A 182 -4.16 24.64 -18.91
C ARG A 182 -4.41 23.22 -18.41
N TYR A 183 -4.14 22.97 -17.13
CA TYR A 183 -4.23 21.61 -16.53
C TYR A 183 -5.54 21.39 -15.79
N MET A 184 -6.46 22.34 -15.78
CA MET A 184 -7.71 22.20 -15.05
C MET A 184 -8.61 21.12 -15.67
N ALA A 185 -9.15 20.27 -14.80
CA ALA A 185 -10.15 19.25 -15.17
C ALA A 185 -11.46 19.90 -15.61
N PRO A 186 -12.27 19.18 -16.39
CA PRO A 186 -13.53 19.75 -16.89
C PRO A 186 -14.47 20.23 -15.78
N GLU A 187 -14.54 19.51 -14.66
CA GLU A 187 -15.45 19.87 -13.55
C GLU A 187 -14.97 21.12 -12.89
N VAL A 188 -13.69 21.47 -12.94
CA VAL A 188 -13.24 22.78 -12.42
C VAL A 188 -13.70 23.86 -13.38
N LEU A 189 -13.46 23.67 -14.66
CA LEU A 189 -13.79 24.70 -15.71
C LEU A 189 -15.30 24.92 -15.78
N ASP A 190 -16.15 23.92 -15.57
CA ASP A 190 -17.62 24.08 -15.70
C ASP A 190 -18.21 24.25 -14.30
N GLU A 191 -17.39 24.28 -13.27
CA GLU A 191 -17.81 24.64 -11.89
C GLU A 191 -18.84 23.64 -11.39
N THR A 192 -18.81 22.39 -11.83
CA THR A 192 -19.63 21.27 -11.32
C THR A 192 -18.87 20.44 -10.30
N ILE A 193 -17.60 20.73 -10.07
CA ILE A 193 -16.86 19.96 -9.04
C ILE A 193 -17.63 19.93 -7.71
N GLN A 194 -17.70 18.73 -7.13
CA GLN A 194 -18.35 18.48 -5.81
C GLN A 194 -17.36 18.90 -4.72
N VAL A 195 -17.38 20.17 -4.32
CA VAL A 195 -16.34 20.85 -3.50
C VAL A 195 -16.30 20.32 -2.06
N ASP A 196 -17.33 19.59 -1.62
CA ASP A 196 -17.40 19.03 -0.25
C ASP A 196 -17.10 17.53 -0.23
N CYS A 197 -16.61 16.96 -1.34
CA CYS A 197 -16.24 15.54 -1.45
C CYS A 197 -14.72 15.53 -1.66
N PHE A 198 -13.95 15.01 -0.71
CA PHE A 198 -12.48 15.12 -0.85
C PHE A 198 -12.04 14.37 -2.11
N ASP A 199 -12.69 13.28 -2.47
CA ASP A 199 -12.31 12.46 -3.65
C ASP A 199 -12.37 13.36 -4.90
N SER A 200 -13.18 14.39 -4.89
CA SER A 200 -13.25 15.31 -6.05
C SER A 200 -11.84 15.83 -6.36
N TYR A 201 -11.09 16.18 -5.35
CA TYR A 201 -9.78 16.85 -5.49
C TYR A 201 -8.78 15.84 -5.98
N LYS A 202 -8.87 14.59 -5.51
N LYS A 202 -8.87 14.58 -5.50
CA LYS A 202 -7.96 13.55 -6.03
CA LYS A 202 -7.99 13.52 -6.02
C LYS A 202 -8.23 13.38 -7.53
C LYS A 202 -8.23 13.41 -7.53
N ARG A 203 -9.51 13.39 -7.94
CA ARG A 203 -9.84 13.17 -9.37
C ARG A 203 -9.37 14.34 -10.25
N VAL A 204 -9.29 15.53 -9.71
CA VAL A 204 -8.71 16.69 -10.44
C VAL A 204 -7.21 16.45 -10.62
N ASP A 205 -6.54 15.90 -9.61
CA ASP A 205 -5.10 15.62 -9.74
C ASP A 205 -4.89 14.55 -10.82
N ILE A 206 -5.75 13.53 -10.85
CA ILE A 206 -5.57 12.43 -11.83
C ILE A 206 -5.68 12.96 -13.26
N TRP A 207 -6.65 13.83 -13.51
CA TRP A 207 -6.74 14.52 -14.82
C TRP A 207 -5.37 15.13 -15.17
N ALA A 208 -4.83 15.95 -14.29
CA ALA A 208 -3.56 16.66 -14.52
C ALA A 208 -2.45 15.64 -14.73
N PHE A 209 -2.44 14.57 -13.93
CA PHE A 209 -1.41 13.52 -14.11
C PHE A 209 -1.47 12.96 -15.53
N GLY A 210 -2.68 12.69 -16.02
CA GLY A 210 -2.79 12.18 -17.38
C GLY A 210 -2.15 13.11 -18.41
N LEU A 211 -2.35 14.42 -18.23
CA LEU A 211 -1.71 15.40 -19.13
C LEU A 211 -0.18 15.34 -19.03
N VAL A 212 0.35 15.17 -17.82
CA VAL A 212 1.80 15.04 -17.62
C VAL A 212 2.27 13.76 -18.28
N LEU A 213 1.50 12.69 -18.14
N LEU A 213 1.52 12.66 -18.13
CA LEU A 213 1.89 11.41 -18.76
CA LEU A 213 1.87 11.38 -18.80
C LEU A 213 1.99 11.60 -20.29
C LEU A 213 2.05 11.67 -20.30
N TRP A 214 1.05 12.34 -20.88
CA TRP A 214 1.08 12.66 -22.34
C TRP A 214 2.32 13.50 -22.68
N GLU A 215 2.66 14.47 -21.87
CA GLU A 215 3.86 15.32 -22.12
C GLU A 215 5.11 14.46 -22.19
N VAL A 216 5.24 13.52 -21.28
CA VAL A 216 6.46 12.71 -21.15
C VAL A 216 6.51 11.68 -22.27
N ALA A 217 5.41 11.03 -22.55
CA ALA A 217 5.31 9.93 -23.54
C ALA A 217 5.70 10.46 -24.91
N ARG A 218 5.33 11.68 -25.22
CA ARG A 218 5.69 12.28 -26.51
C ARG A 218 7.21 12.24 -26.72
N ARG A 219 7.99 12.35 -25.65
CA ARG A 219 9.46 12.48 -25.74
C ARG A 219 10.10 11.09 -25.66
N MET A 220 9.36 10.01 -25.60
CA MET A 220 9.90 8.64 -25.64
C MET A 220 10.10 8.25 -27.11
N VAL A 221 11.32 7.84 -27.46
CA VAL A 221 11.61 7.43 -28.87
C VAL A 221 11.04 6.05 -29.14
N SER A 222 10.43 5.85 -30.32
CA SER A 222 10.12 4.50 -30.81
C SER A 222 10.33 4.49 -32.32
N ASN A 223 10.94 3.41 -32.81
N ASN A 223 11.01 3.45 -32.78
CA ASN A 223 11.21 3.22 -34.27
CA ASN A 223 11.16 3.21 -34.23
C ASN A 223 11.80 4.51 -34.85
C ASN A 223 11.79 4.48 -34.85
N GLY A 224 12.74 5.16 -34.15
CA GLY A 224 13.43 6.35 -34.63
C GLY A 224 12.61 7.63 -34.67
N ILE A 225 11.43 7.62 -34.06
CA ILE A 225 10.48 8.74 -34.10
C ILE A 225 10.32 9.26 -32.65
N VAL A 226 10.19 10.55 -32.56
CA VAL A 226 9.81 11.22 -31.29
C VAL A 226 9.02 12.47 -31.63
N GLU A 227 8.09 12.88 -30.76
CA GLU A 227 7.46 14.21 -30.92
C GLU A 227 8.27 15.29 -30.23
N ASP A 228 8.22 16.51 -30.74
CA ASP A 228 8.77 17.70 -30.08
C ASP A 228 8.06 17.90 -28.72
N TYR A 229 8.72 18.48 -27.76
CA TYR A 229 8.04 18.90 -26.52
C TYR A 229 6.94 19.90 -26.87
N LYS A 230 5.75 19.62 -26.40
CA LYS A 230 4.65 20.61 -26.37
C LYS A 230 3.89 20.48 -25.08
N PRO A 231 3.32 21.60 -24.58
CA PRO A 231 2.43 21.54 -23.44
C PRO A 231 1.07 21.01 -23.86
N PRO A 232 0.29 20.48 -22.92
CA PRO A 232 -1.06 20.00 -23.23
C PRO A 232 -1.87 21.12 -23.90
N PHE A 233 -2.61 20.73 -24.93
CA PHE A 233 -3.55 21.63 -25.64
C PHE A 233 -2.82 22.71 -26.43
N TYR A 234 -1.54 22.53 -26.71
CA TYR A 234 -0.75 23.54 -27.45
C TYR A 234 -1.41 23.88 -28.78
N ASP A 235 -2.13 22.94 -29.36
CA ASP A 235 -2.71 23.08 -30.72
C ASP A 235 -4.10 23.68 -30.72
N VAL A 236 -4.69 23.96 -29.57
CA VAL A 236 -6.10 24.41 -29.53
C VAL A 236 -6.32 25.62 -28.64
N VAL A 237 -5.35 26.07 -27.84
CA VAL A 237 -5.51 27.28 -27.01
C VAL A 237 -4.27 28.12 -27.17
N PRO A 238 -4.37 29.42 -26.88
CA PRO A 238 -3.22 30.29 -26.89
C PRO A 238 -2.29 30.05 -25.70
N ASN A 239 -1.11 30.67 -25.75
CA ASN A 239 -0.32 30.83 -24.53
C ASN A 239 -1.15 31.57 -23.51
N ASP A 240 -0.98 31.25 -22.23
CA ASP A 240 -1.74 31.85 -21.14
C ASP A 240 -3.22 31.83 -21.47
N PRO A 241 -3.76 30.61 -21.70
CA PRO A 241 -5.12 30.49 -22.11
C PRO A 241 -6.08 30.99 -21.04
N SER A 242 -7.17 31.60 -21.44
CA SER A 242 -8.16 32.05 -20.46
C SER A 242 -8.95 30.88 -19.91
N PHE A 243 -9.68 31.09 -18.86
CA PHE A 243 -10.60 30.12 -18.29
C PHE A 243 -11.63 29.72 -19.35
N GLU A 244 -12.18 30.69 -20.13
CA GLU A 244 -13.14 30.41 -21.20
C GLU A 244 -12.50 29.61 -22.32
N ASP A 245 -11.28 29.94 -22.70
CA ASP A 245 -10.58 29.19 -23.77
C ASP A 245 -10.57 27.70 -23.36
N MET A 246 -10.16 27.48 -22.15
CA MET A 246 -10.06 26.08 -21.66
C MET A 246 -11.42 25.40 -21.55
N ARG A 247 -12.42 26.12 -21.04
CA ARG A 247 -13.76 25.54 -20.89
C ARG A 247 -14.30 25.13 -22.25
N LYS A 248 -14.13 25.94 -23.27
CA LYS A 248 -14.66 25.58 -24.59
CA LYS A 248 -14.65 25.59 -24.60
C LYS A 248 -13.99 24.30 -25.11
N VAL A 249 -12.68 24.18 -24.96
CA VAL A 249 -11.95 22.99 -25.45
C VAL A 249 -12.39 21.77 -24.66
N VAL A 250 -12.24 21.85 -23.35
CA VAL A 250 -12.34 20.65 -22.48
C VAL A 250 -13.77 20.25 -22.18
N CYS A 251 -14.65 21.22 -21.97
CA CYS A 251 -16.03 21.00 -21.53
C CYS A 251 -16.97 20.98 -22.70
N VAL A 252 -16.93 22.00 -23.55
CA VAL A 252 -18.00 22.12 -24.56
C VAL A 252 -17.70 21.17 -25.71
N ASP A 253 -16.50 21.24 -26.27
CA ASP A 253 -16.11 20.39 -27.40
C ASP A 253 -15.59 19.04 -26.92
N GLN A 254 -15.18 18.93 -25.67
CA GLN A 254 -14.69 17.67 -25.05
C GLN A 254 -13.48 17.13 -25.81
N GLN A 255 -12.59 18.02 -26.24
CA GLN A 255 -11.31 17.62 -26.84
C GLN A 255 -10.39 17.05 -25.77
N ARG A 256 -9.49 16.18 -26.25
CA ARG A 256 -8.43 15.56 -25.45
C ARG A 256 -7.15 15.61 -26.28
N PRO A 257 -5.98 15.57 -25.62
CA PRO A 257 -4.72 15.56 -26.37
C PRO A 257 -4.67 14.41 -27.37
N ASN A 258 -4.14 14.71 -28.53
N ASN A 258 -4.01 14.72 -28.50
CA ASN A 258 -4.13 13.67 -29.60
CA ASN A 258 -3.83 13.81 -29.66
C ASN A 258 -3.00 12.67 -29.33
C ASN A 258 -2.93 12.62 -29.26
N ILE A 259 -3.28 11.42 -29.67
CA ILE A 259 -2.34 10.28 -29.58
C ILE A 259 -1.81 10.02 -30.98
N PRO A 260 -0.52 10.24 -31.27
CA PRO A 260 0.02 9.96 -32.59
C PRO A 260 -0.05 8.50 -32.98
N ASN A 261 -0.23 8.31 -34.28
CA ASN A 261 -0.25 6.95 -34.83
C ASN A 261 1.00 6.14 -34.45
N ARG A 262 2.15 6.77 -34.45
CA ARG A 262 3.40 6.01 -34.20
C ARG A 262 3.37 5.34 -32.83
N TRP A 263 2.60 5.83 -31.86
CA TRP A 263 2.54 5.17 -30.53
C TRP A 263 2.02 3.73 -30.65
N PHE A 264 1.13 3.46 -31.62
CA PHE A 264 0.44 2.18 -31.75
C PHE A 264 1.37 1.12 -32.37
N SER A 265 2.57 1.49 -32.77
CA SER A 265 3.62 0.49 -33.14
C SER A 265 4.44 0.10 -31.94
N ASP A 266 4.31 0.78 -30.79
CA ASP A 266 5.19 0.51 -29.64
C ASP A 266 4.37 0.01 -28.47
N PRO A 267 4.64 -1.17 -27.86
CA PRO A 267 3.76 -1.69 -26.83
C PRO A 267 3.69 -0.77 -25.59
N THR A 268 4.78 -0.12 -25.22
CA THR A 268 4.83 0.77 -24.05
C THR A 268 3.93 1.99 -24.30
N LEU A 269 4.09 2.61 -25.46
CA LEU A 269 3.28 3.83 -25.74
C LEU A 269 1.81 3.45 -25.95
N THR A 270 1.55 2.28 -26.50
CA THR A 270 0.15 1.78 -26.62
C THR A 270 -0.48 1.70 -25.23
N SER A 271 0.21 1.07 -24.27
CA SER A 271 -0.28 0.93 -22.89
C SER A 271 -0.41 2.32 -22.23
N LEU A 272 0.55 3.22 -22.46
CA LEU A 272 0.48 4.57 -21.85
C LEU A 272 -0.72 5.33 -22.42
N ALA A 273 -0.99 5.20 -23.70
CA ALA A 273 -2.17 5.86 -24.31
C ALA A 273 -3.45 5.38 -23.62
N LYS A 274 -3.58 4.09 -23.37
CA LYS A 274 -4.78 3.56 -22.69
C LYS A 274 -4.87 4.18 -21.30
N LEU A 275 -3.74 4.29 -20.62
CA LEU A 275 -3.73 4.82 -19.25
C LEU A 275 -4.15 6.27 -19.25
N MET A 276 -3.61 7.06 -20.17
CA MET A 276 -4.00 8.49 -20.31
C MET A 276 -5.51 8.60 -20.47
N LYS A 277 -6.08 7.83 -21.39
CA LYS A 277 -7.53 7.84 -21.65
C LYS A 277 -8.30 7.69 -20.35
N GLU A 278 -7.82 6.81 -19.46
N GLU A 278 -7.81 6.80 -19.47
CA GLU A 278 -8.55 6.48 -18.24
CA GLU A 278 -8.49 6.42 -18.19
C GLU A 278 -8.31 7.51 -17.13
C GLU A 278 -8.28 7.49 -17.12
N CYS A 279 -7.46 8.50 -17.39
CA CYS A 279 -7.32 9.68 -16.50
C CYS A 279 -8.17 10.84 -16.98
N TRP A 280 -8.75 10.74 -18.17
CA TRP A 280 -9.37 11.91 -18.86
C TRP A 280 -10.86 11.74 -19.09
N TYR A 281 -11.47 10.77 -18.47
CA TYR A 281 -12.94 10.67 -18.57
C TYR A 281 -13.60 11.96 -18.09
N GLN A 282 -14.66 12.40 -18.81
CA GLN A 282 -15.49 13.55 -18.37
CA GLN A 282 -15.49 13.56 -18.40
C GLN A 282 -16.04 13.31 -16.97
N ASN A 283 -16.52 12.10 -16.71
CA ASN A 283 -17.06 11.70 -15.41
C ASN A 283 -15.87 11.50 -14.47
N PRO A 284 -15.71 12.37 -13.45
CA PRO A 284 -14.55 12.26 -12.57
C PRO A 284 -14.47 10.90 -11.86
N SER A 285 -15.63 10.29 -11.53
CA SER A 285 -15.60 9.04 -10.74
C SER A 285 -15.20 7.84 -11.62
N ALA A 286 -15.15 7.98 -12.94
CA ALA A 286 -14.68 6.92 -13.86
C ALA A 286 -13.15 6.88 -13.92
N ARG A 287 -12.48 7.95 -13.48
CA ARG A 287 -11.02 8.02 -13.64
C ARG A 287 -10.35 7.01 -12.71
N LEU A 288 -9.19 6.54 -13.16
CA LEU A 288 -8.34 5.62 -12.38
C LEU A 288 -7.87 6.31 -11.11
N THR A 289 -7.57 5.56 -10.09
CA THR A 289 -6.91 6.05 -8.88
C THR A 289 -5.40 6.01 -9.08
N ALA A 290 -4.68 6.82 -8.27
CA ALA A 290 -3.21 6.82 -8.37
C ALA A 290 -2.65 5.42 -8.07
N LEU A 291 -3.24 4.72 -7.09
CA LEU A 291 -2.78 3.34 -6.81
C LEU A 291 -3.01 2.42 -8.00
N ARG A 292 -4.13 2.53 -8.71
CA ARG A 292 -4.35 1.69 -9.89
C ARG A 292 -3.36 2.05 -11.02
N ILE A 293 -3.07 3.34 -11.17
CA ILE A 293 -2.08 3.79 -12.16
C ILE A 293 -0.71 3.14 -11.84
N LYS A 294 -0.30 3.19 -10.56
CA LYS A 294 0.99 2.55 -10.18
C LYS A 294 1.02 1.09 -10.60
N LYS A 295 -0.02 0.38 -10.25
CA LYS A 295 -0.05 -1.06 -10.55
C LYS A 295 0.06 -1.24 -12.06
N THR A 296 -0.74 -0.51 -12.85
CA THR A 296 -0.69 -0.65 -14.31
C THR A 296 0.72 -0.34 -14.83
N LEU A 297 1.39 0.68 -14.33
CA LEU A 297 2.74 1.06 -14.79
C LEU A 297 3.73 -0.05 -14.42
N THR A 298 3.57 -0.69 -13.27
CA THR A 298 4.50 -1.78 -12.86
C THR A 298 4.33 -3.00 -13.77
N LYS A 299 3.22 -3.16 -14.47
CA LYS A 299 2.99 -4.33 -15.35
C LYS A 299 3.39 -3.98 -16.79
N ILE A 300 3.75 -2.73 -17.09
CA ILE A 300 4.15 -2.33 -18.47
C ILE A 300 5.65 -2.60 -18.61
N ASP A 301 5.98 -3.40 -19.61
CA ASP A 301 7.35 -3.91 -19.89
C ASP A 301 7.83 -4.82 -18.76
N ALA B 7 -15.64 -20.61 40.30
CA ALA B 7 -14.13 -20.60 40.30
C ALA B 7 -13.64 -19.79 39.09
N ARG B 8 -13.54 -18.46 39.27
CA ARG B 8 -13.17 -17.46 38.22
C ARG B 8 -11.69 -17.04 38.34
N ASP B 9 -10.97 -17.36 39.44
CA ASP B 9 -9.62 -16.79 39.68
C ASP B 9 -8.55 -17.41 38.78
N ILE B 10 -7.47 -16.64 38.57
CA ILE B 10 -6.39 -16.99 37.61
C ILE B 10 -5.06 -16.65 38.24
N THR B 11 -4.07 -17.54 38.11
CA THR B 11 -2.68 -17.29 38.52
C THR B 11 -1.80 -17.17 37.28
N LEU B 12 -1.10 -16.05 37.09
CA LEU B 12 -0.15 -15.87 35.95
C LEU B 12 1.20 -16.48 36.33
N LEU B 13 1.67 -17.47 35.60
CA LEU B 13 2.85 -18.27 35.99
C LEU B 13 4.09 -17.91 35.17
N GLU B 14 3.98 -17.71 33.86
CA GLU B 14 5.17 -17.31 33.06
C GLU B 14 4.79 -16.65 31.76
N CYS B 15 5.55 -15.66 31.37
CA CYS B 15 5.38 -14.95 30.10
C CYS B 15 5.92 -15.83 28.98
N VAL B 16 5.09 -16.16 28.00
CA VAL B 16 5.47 -17.05 26.86
C VAL B 16 5.57 -16.21 25.59
N GLY B 17 5.41 -14.89 25.64
CA GLY B 17 5.48 -14.05 24.45
C GLY B 17 5.22 -12.60 24.75
N LYS B 18 5.92 -11.69 24.08
CA LYS B 18 5.82 -10.25 24.37
C LYS B 18 6.29 -9.53 23.12
N GLY B 19 5.51 -8.54 22.67
CA GLY B 19 5.78 -7.74 21.48
C GLY B 19 5.04 -6.43 21.56
N ARG B 20 4.91 -5.74 20.44
CA ARG B 20 4.16 -4.46 20.36
C ARG B 20 2.66 -4.76 20.53
N TYR B 21 2.19 -5.96 20.20
CA TYR B 21 0.75 -6.34 20.31
C TYR B 21 0.32 -6.34 21.79
N GLY B 22 1.21 -6.75 22.68
CA GLY B 22 0.87 -7.13 24.05
C GLY B 22 1.71 -8.29 24.48
N GLU B 23 1.21 -9.09 25.41
CA GLU B 23 1.98 -10.21 25.94
C GLU B 23 1.05 -11.37 26.21
N VAL B 24 1.58 -12.58 26.21
CA VAL B 24 0.78 -13.77 26.55
C VAL B 24 1.45 -14.46 27.72
N TRP B 25 0.66 -14.92 28.65
CA TRP B 25 1.10 -15.65 29.85
C TRP B 25 0.50 -17.03 29.86
N ARG B 26 1.29 -18.00 30.30
CA ARG B 26 0.75 -19.25 30.80
C ARG B 26 0.24 -18.99 32.21
N GLY B 27 -1.01 -19.31 32.45
CA GLY B 27 -1.60 -19.17 33.79
C GLY B 27 -2.27 -20.45 34.22
N SER B 28 -2.73 -20.46 35.46
CA SER B 28 -3.54 -21.56 36.02
C SER B 28 -4.94 -21.05 36.39
N TRP B 29 -6.00 -21.77 35.96
N TRP B 29 -5.99 -21.81 36.06
CA TRP B 29 -7.45 -21.48 36.18
CA TRP B 29 -7.38 -21.43 36.37
C TRP B 29 -8.15 -22.81 36.47
C TRP B 29 -8.24 -22.69 36.45
N GLN B 30 -8.84 -22.94 37.61
CA GLN B 30 -9.61 -24.18 37.91
C GLN B 30 -8.69 -25.39 37.67
N GLY B 31 -7.45 -25.32 38.17
CA GLY B 31 -6.43 -26.39 38.06
C GLY B 31 -6.06 -26.79 36.63
N GLU B 32 -6.25 -25.90 35.63
CA GLU B 32 -5.85 -26.14 34.21
C GLU B 32 -4.92 -25.00 33.78
N ASN B 33 -3.96 -25.27 32.89
CA ASN B 33 -3.20 -24.24 32.16
C ASN B 33 -4.20 -23.48 31.28
N VAL B 34 -4.05 -22.17 31.29
CA VAL B 34 -4.77 -21.30 30.32
C VAL B 34 -3.73 -20.36 29.79
N ALA B 35 -4.06 -19.77 28.63
CA ALA B 35 -3.29 -18.70 28.01
C ALA B 35 -4.00 -17.38 28.27
N VAL B 36 -3.28 -16.40 28.75
CA VAL B 36 -3.84 -15.08 29.09
C VAL B 36 -3.11 -14.05 28.28
N LYS B 37 -3.78 -13.45 27.28
CA LYS B 37 -3.23 -12.36 26.46
C LYS B 37 -3.65 -11.03 27.07
N ILE B 38 -2.68 -10.17 27.32
CA ILE B 38 -2.91 -8.79 27.80
C ILE B 38 -2.56 -7.90 26.64
N PHE B 39 -3.51 -7.15 26.10
CA PHE B 39 -3.29 -6.37 24.86
C PHE B 39 -2.61 -5.06 25.21
N SER B 40 -1.78 -4.53 24.32
CA SER B 40 -1.30 -3.14 24.44
C SER B 40 -2.46 -2.19 24.20
N SER B 41 -2.52 -1.01 24.82
CA SER B 41 -3.61 -0.06 24.49
C SER B 41 -3.52 0.35 23.01
N ARG B 42 -2.36 0.25 22.42
CA ARG B 42 -2.15 0.56 20.99
C ARG B 42 -3.03 -0.41 20.16
N ASP B 43 -3.46 -1.53 20.73
CA ASP B 43 -4.17 -2.55 19.93
C ASP B 43 -5.58 -2.84 20.49
N GLU B 44 -6.17 -1.86 21.15
CA GLU B 44 -7.48 -2.02 21.80
C GLU B 44 -8.54 -2.43 20.78
N LYS B 45 -8.45 -2.04 19.52
CA LYS B 45 -9.49 -2.38 18.54
C LYS B 45 -9.39 -3.87 18.19
N SER B 46 -8.22 -4.46 18.24
CA SER B 46 -8.12 -5.92 18.04
C SER B 46 -8.79 -6.66 19.18
N TRP B 47 -8.60 -6.22 20.40
CA TRP B 47 -9.24 -6.90 21.56
C TRP B 47 -10.76 -6.90 21.33
N PHE B 48 -11.31 -5.76 20.95
CA PHE B 48 -12.78 -5.68 20.84
C PHE B 48 -13.24 -6.54 19.67
N ARG B 49 -12.50 -6.53 18.56
CA ARG B 49 -12.89 -7.33 17.39
C ARG B 49 -12.86 -8.83 17.74
N GLU B 50 -11.83 -9.27 18.43
CA GLU B 50 -11.72 -10.69 18.79
C GLU B 50 -12.86 -11.10 19.69
N THR B 51 -13.26 -10.18 20.57
CA THR B 51 -14.38 -10.41 21.50
C THR B 51 -15.68 -10.55 20.70
N GLU B 52 -15.89 -9.70 19.71
CA GLU B 52 -17.09 -9.79 18.82
C GLU B 52 -17.07 -11.17 18.17
N LEU B 53 -15.89 -11.62 17.69
CA LEU B 53 -15.81 -12.92 16.98
C LEU B 53 -16.12 -14.09 17.94
N TYR B 54 -15.54 -14.08 19.12
CA TYR B 54 -15.75 -15.20 20.05
C TYR B 54 -17.14 -15.21 20.69
N ASN B 55 -17.94 -14.15 20.51
CA ASN B 55 -19.35 -14.18 20.96
C ASN B 55 -20.10 -15.30 20.25
N THR B 56 -19.64 -15.70 19.07
CA THR B 56 -20.35 -16.68 18.22
C THR B 56 -20.13 -18.10 18.76
N VAL B 57 -21.15 -18.72 19.34
CA VAL B 57 -21.01 -20.09 19.91
C VAL B 57 -20.59 -21.08 18.82
N MET B 58 -21.14 -20.98 17.60
CA MET B 58 -20.79 -21.93 16.49
C MET B 58 -19.42 -21.67 15.82
N LEU B 59 -18.68 -20.65 16.26
CA LEU B 59 -17.24 -20.56 15.90
C LEU B 59 -16.45 -21.75 16.45
N ARG B 60 -16.82 -22.34 17.58
CA ARG B 60 -16.05 -23.41 18.26
C ARG B 60 -15.75 -24.53 17.25
N HIS B 61 -14.48 -24.96 17.23
CA HIS B 61 -14.02 -25.97 16.27
C HIS B 61 -12.65 -26.47 16.72
N GLU B 62 -12.37 -27.75 16.45
CA GLU B 62 -11.10 -28.37 16.88
C GLU B 62 -9.91 -27.58 16.35
N ASN B 63 -10.02 -26.92 15.20
CA ASN B 63 -8.86 -26.23 14.58
C ASN B 63 -9.00 -24.70 14.71
N ILE B 64 -9.74 -24.18 15.70
CA ILE B 64 -9.78 -22.74 16.05
C ILE B 64 -9.46 -22.67 17.54
N LEU B 65 -8.55 -21.80 17.91
CA LEU B 65 -8.17 -21.62 19.33
C LEU B 65 -9.39 -21.38 20.19
N GLY B 66 -9.53 -22.20 21.24
CA GLY B 66 -10.74 -22.20 22.06
C GLY B 66 -10.72 -21.09 23.08
N PHE B 67 -11.80 -20.34 23.09
CA PHE B 67 -12.03 -19.19 23.95
C PHE B 67 -12.56 -19.59 25.35
N ILE B 68 -12.08 -18.95 26.39
CA ILE B 68 -12.63 -19.12 27.76
C ILE B 68 -13.30 -17.82 28.19
N ALA B 69 -12.60 -16.68 28.13
CA ALA B 69 -13.23 -15.42 28.58
C ALA B 69 -12.51 -14.23 27.94
N SER B 70 -13.19 -13.08 27.91
CA SER B 70 -12.61 -11.80 27.47
C SER B 70 -13.01 -10.76 28.49
N ASP B 71 -12.09 -9.89 28.87
CA ASP B 71 -12.39 -8.88 29.90
C ASP B 71 -11.80 -7.57 29.50
N MET B 72 -12.55 -6.51 29.82
CA MET B 72 -11.98 -5.18 29.89
C MET B 72 -12.14 -4.72 31.34
N THR B 73 -11.07 -4.31 31.99
CA THR B 73 -11.12 -3.90 33.41
C THR B 73 -10.54 -2.52 33.50
N SER B 74 -11.04 -1.71 34.44
CA SER B 74 -10.49 -0.36 34.64
C SER B 74 -10.75 0.17 36.03
N ARG B 75 -9.75 0.89 36.50
CA ARG B 75 -9.90 1.81 37.63
C ARG B 75 -9.18 3.09 37.28
N HIS B 76 -9.80 4.22 37.62
CA HIS B 76 -9.25 5.53 37.26
C HIS B 76 -8.99 5.57 35.75
N SER B 77 -7.81 5.98 35.32
CA SER B 77 -7.56 6.18 33.87
C SER B 77 -6.86 4.96 33.25
N SER B 78 -6.66 3.88 33.96
CA SER B 78 -5.91 2.67 33.53
C SER B 78 -6.95 1.66 33.04
N THR B 79 -6.74 1.06 31.86
CA THR B 79 -7.59 -0.02 31.33
C THR B 79 -6.72 -1.21 30.98
N GLN B 80 -7.18 -2.37 31.36
CA GLN B 80 -6.53 -3.62 30.94
C GLN B 80 -7.50 -4.40 30.07
N LEU B 81 -6.94 -5.04 29.06
CA LEU B 81 -7.69 -5.83 28.07
C LEU B 81 -7.17 -7.25 28.04
N TRP B 82 -8.01 -8.20 28.34
CA TRP B 82 -7.63 -9.60 28.60
C TRP B 82 -8.34 -10.51 27.63
N LEU B 83 -7.66 -11.49 27.07
CA LEU B 83 -8.30 -12.62 26.39
C LEU B 83 -7.75 -13.90 27.02
N ILE B 84 -8.64 -14.79 27.42
CA ILE B 84 -8.22 -16.06 28.09
C ILE B 84 -8.66 -17.18 27.21
N THR B 85 -7.71 -18.05 26.83
CA THR B 85 -7.98 -19.19 25.94
C THR B 85 -7.42 -20.49 26.51
N HIS B 86 -7.66 -21.55 25.77
CA HIS B 86 -6.89 -22.81 25.94
C HIS B 86 -5.41 -22.53 25.73
N TYR B 87 -4.59 -23.32 26.42
CA TYR B 87 -3.11 -23.21 26.35
C TYR B 87 -2.54 -24.41 25.59
N HIS B 88 -1.63 -24.16 24.67
CA HIS B 88 -1.01 -25.23 23.86
C HIS B 88 0.49 -25.17 24.13
N GLU B 89 0.96 -26.10 24.99
CA GLU B 89 2.34 -26.01 25.49
C GLU B 89 3.38 -26.27 24.41
N MET B 90 2.99 -26.88 23.28
CA MET B 90 3.91 -27.06 22.16
C MET B 90 4.11 -25.75 21.41
N GLY B 91 3.33 -24.70 21.73
CA GLY B 91 3.64 -23.41 21.11
C GLY B 91 3.07 -23.28 19.69
N SER B 92 3.59 -22.29 18.97
CA SER B 92 3.09 -22.04 17.60
C SER B 92 3.77 -22.97 16.63
N LEU B 93 3.17 -23.05 15.44
CA LEU B 93 3.77 -23.78 14.31
C LEU B 93 5.11 -23.17 13.98
N TYR B 94 5.27 -21.85 14.01
CA TYR B 94 6.54 -21.18 13.79
C TYR B 94 7.59 -21.72 14.75
N ASP B 95 7.25 -21.85 16.02
CA ASP B 95 8.21 -22.38 17.01
C ASP B 95 8.53 -23.85 16.67
N TYR B 96 7.52 -24.65 16.39
CA TYR B 96 7.62 -26.09 16.25
C TYR B 96 8.52 -26.43 15.06
N LEU B 97 8.30 -25.75 13.93
CA LEU B 97 9.07 -26.03 12.72
C LEU B 97 10.55 -25.70 12.85
N GLN B 98 10.91 -24.87 13.82
N GLN B 98 11.02 -24.94 13.82
CA GLN B 98 12.32 -24.41 14.01
CA GLN B 98 12.46 -24.57 13.83
C GLN B 98 13.13 -25.66 14.28
C GLN B 98 13.27 -25.63 14.56
N LEU B 99 12.57 -26.58 15.10
CA LEU B 99 13.31 -27.59 15.93
C LEU B 99 12.92 -29.01 15.59
N THR B 100 12.05 -29.24 14.62
CA THR B 100 11.49 -30.55 14.26
CA THR B 100 11.71 -30.63 14.22
C THR B 100 11.43 -30.67 12.74
N THR B 101 11.74 -31.82 12.21
CA THR B 101 11.38 -32.19 10.84
C THR B 101 10.14 -33.05 10.89
N LEU B 102 9.51 -33.21 9.75
CA LEU B 102 8.22 -33.93 9.58
C LEU B 102 8.35 -35.13 8.65
N ASP B 103 7.59 -36.18 8.93
CA ASP B 103 7.35 -37.22 7.93
C ASP B 103 6.09 -36.87 7.14
N THR B 104 5.76 -37.67 6.16
CA THR B 104 4.63 -37.41 5.27
C THR B 104 3.36 -37.30 6.09
N VAL B 105 3.11 -38.28 6.95
CA VAL B 105 1.86 -38.33 7.73
C VAL B 105 1.73 -37.06 8.56
N SER B 106 2.79 -36.63 9.24
N SER B 106 2.80 -36.63 9.23
CA SER B 106 2.75 -35.47 10.14
CA SER B 106 2.79 -35.48 10.19
C SER B 106 2.54 -34.21 9.29
C SER B 106 2.72 -34.15 9.42
N CYS B 107 3.26 -34.09 8.20
CA CYS B 107 3.14 -32.88 7.34
C CYS B 107 1.68 -32.76 6.88
N LEU B 108 1.08 -33.82 6.36
CA LEU B 108 -0.29 -33.76 5.85
C LEU B 108 -1.26 -33.50 7.00
N ARG B 109 -1.08 -34.11 8.16
CA ARG B 109 -1.97 -33.87 9.29
C ARG B 109 -1.97 -32.38 9.63
N ILE B 110 -0.80 -31.79 9.71
CA ILE B 110 -0.70 -30.37 10.08
C ILE B 110 -1.44 -29.54 9.02
N VAL B 111 -1.13 -29.70 7.77
CA VAL B 111 -1.66 -28.75 6.77
C VAL B 111 -3.16 -29.01 6.55
N LEU B 112 -3.61 -30.27 6.61
CA LEU B 112 -5.05 -30.54 6.54
C LEU B 112 -5.76 -29.89 7.73
N SER B 113 -5.19 -29.94 8.91
CA SER B 113 -5.90 -29.35 10.07
C SER B 113 -6.06 -27.84 9.86
N ILE B 114 -5.03 -27.19 9.35
CA ILE B 114 -5.12 -25.73 9.11
C ILE B 114 -6.17 -25.47 8.05
N ALA B 115 -6.17 -26.26 6.98
CA ALA B 115 -7.20 -26.08 5.93
C ALA B 115 -8.60 -26.29 6.50
N SER B 116 -8.75 -27.26 7.41
N SER B 116 -8.74 -27.24 7.42
CA SER B 116 -10.08 -27.53 8.00
CA SER B 116 -10.05 -27.55 8.05
C SER B 116 -10.49 -26.32 8.85
C SER B 116 -10.49 -26.36 8.90
N GLY B 117 -9.59 -25.75 9.65
CA GLY B 117 -9.90 -24.53 10.41
C GLY B 117 -10.28 -23.38 9.50
N LEU B 118 -9.53 -23.22 8.44
CA LEU B 118 -9.74 -22.07 7.53
C LEU B 118 -11.06 -22.22 6.81
N ALA B 119 -11.38 -23.41 6.30
CA ALA B 119 -12.67 -23.67 5.65
C ALA B 119 -13.78 -23.44 6.65
N HIS B 120 -13.63 -23.88 7.90
CA HIS B 120 -14.63 -23.60 8.95
C HIS B 120 -14.84 -22.09 9.09
N LEU B 121 -13.78 -21.31 9.14
CA LEU B 121 -13.93 -19.84 9.19
C LEU B 121 -14.67 -19.33 7.96
N HIS B 122 -14.24 -19.72 6.80
CA HIS B 122 -14.71 -19.09 5.54
C HIS B 122 -16.18 -19.43 5.30
N ILE B 123 -16.64 -20.61 5.71
CA ILE B 123 -18.00 -21.11 5.29
C ILE B 123 -19.02 -20.63 6.32
N GLU B 124 -20.09 -20.00 5.85
CA GLU B 124 -21.23 -19.56 6.70
C GLU B 124 -22.02 -20.80 7.19
N ILE B 125 -22.44 -20.79 8.45
CA ILE B 125 -23.39 -21.78 9.04
C ILE B 125 -24.72 -21.02 9.32
N PHE B 126 -25.83 -21.54 8.77
CA PHE B 126 -27.16 -20.87 8.84
C PHE B 126 -27.95 -21.36 10.05
N GLY B 130 -26.02 -19.78 14.53
CA GLY B 130 -25.20 -19.91 13.30
C GLY B 130 -23.84 -19.26 13.46
N LYS B 131 -23.11 -19.15 12.34
CA LYS B 131 -21.79 -18.48 12.33
C LYS B 131 -21.71 -17.81 10.96
N PRO B 132 -21.40 -16.52 10.96
CA PRO B 132 -21.18 -15.84 9.70
C PRO B 132 -19.95 -16.43 8.99
N ALA B 133 -19.84 -16.20 7.68
CA ALA B 133 -18.55 -16.39 6.96
C ALA B 133 -17.54 -15.42 7.58
N ILE B 134 -16.32 -15.90 7.78
CA ILE B 134 -15.23 -15.14 8.45
C ILE B 134 -13.96 -15.25 7.63
N ALA B 135 -13.35 -14.11 7.40
CA ALA B 135 -11.99 -14.07 6.83
C ALA B 135 -11.08 -13.57 7.93
N HIS B 136 -9.91 -14.21 8.04
CA HIS B 136 -8.97 -14.02 9.17
C HIS B 136 -8.12 -12.73 9.04
N ARG B 137 -7.48 -12.59 7.89
CA ARG B 137 -6.67 -11.41 7.47
C ARG B 137 -5.29 -11.37 8.10
N ASP B 138 -4.91 -12.28 8.98
CA ASP B 138 -3.51 -12.27 9.49
C ASP B 138 -3.05 -13.71 9.68
N LEU B 139 -3.29 -14.57 8.71
CA LEU B 139 -2.86 -15.98 8.84
C LEU B 139 -1.34 -16.02 8.67
N LYS B 140 -0.66 -16.74 9.56
CA LYS B 140 0.81 -16.93 9.49
C LYS B 140 1.16 -18.01 10.52
N SER B 141 2.40 -18.51 10.45
CA SER B 141 2.73 -19.66 11.31
C SER B 141 2.79 -19.30 12.79
N LYS B 142 2.99 -18.03 13.15
CA LYS B 142 2.95 -17.64 14.58
C LYS B 142 1.50 -17.59 15.10
N ASN B 143 0.54 -17.53 14.22
CA ASN B 143 -0.91 -17.48 14.58
C ASN B 143 -1.55 -18.84 14.41
N ILE B 144 -0.75 -19.89 14.40
CA ILE B 144 -1.24 -21.29 14.39
C ILE B 144 -0.57 -21.98 15.58
N LEU B 145 -1.37 -22.67 16.37
CA LEU B 145 -0.84 -23.40 17.54
C LEU B 145 -0.84 -24.89 17.25
N VAL B 146 0.20 -25.55 17.79
CA VAL B 146 0.34 -27.03 17.62
C VAL B 146 -0.21 -27.74 18.84
N LYS B 147 -1.02 -28.73 18.58
CA LYS B 147 -1.74 -29.51 19.61
C LYS B 147 -1.12 -30.92 19.73
N LYS B 148 -1.30 -31.50 20.89
CA LYS B 148 -0.61 -32.79 21.20
C LYS B 148 -1.13 -33.92 20.32
N ASN B 149 -2.32 -33.78 19.74
CA ASN B 149 -2.82 -34.76 18.72
C ASN B 149 -2.23 -34.58 17.30
N GLY B 150 -1.31 -33.64 17.08
CA GLY B 150 -0.61 -33.46 15.79
C GLY B 150 -1.37 -32.56 14.83
N GLN B 151 -2.54 -32.17 15.25
CA GLN B 151 -3.29 -31.09 14.55
C GLN B 151 -2.97 -29.74 15.14
N CYS B 152 -3.35 -28.72 14.37
CA CYS B 152 -3.13 -27.32 14.71
C CYS B 152 -4.45 -26.60 14.92
N CYS B 153 -4.36 -25.42 15.52
CA CYS B 153 -5.55 -24.55 15.61
C CYS B 153 -5.12 -23.13 15.24
N ILE B 154 -6.03 -22.44 14.58
CA ILE B 154 -5.84 -21.04 14.17
C ILE B 154 -6.22 -20.08 15.29
N ALA B 155 -5.38 -19.09 15.51
CA ALA B 155 -5.50 -18.07 16.56
C ALA B 155 -5.47 -16.66 16.00
N ASP B 156 -5.95 -15.73 16.80
CA ASP B 156 -5.90 -14.27 16.61
C ASP B 156 -6.92 -13.84 15.57
N LEU B 157 -8.12 -13.53 16.09
CA LEU B 157 -9.23 -13.09 15.24
C LEU B 157 -9.43 -11.59 15.33
N GLY B 158 -8.41 -10.85 15.76
CA GLY B 158 -8.49 -9.37 15.90
C GLY B 158 -8.66 -8.57 14.64
N LEU B 159 -8.35 -9.14 13.49
CA LEU B 159 -8.46 -8.44 12.21
C LEU B 159 -9.58 -9.03 11.36
N ALA B 160 -10.35 -9.97 11.89
CA ALA B 160 -11.32 -10.73 11.08
C ALA B 160 -12.43 -9.82 10.49
N VAL B 161 -12.93 -10.26 9.36
CA VAL B 161 -14.09 -9.65 8.66
C VAL B 161 -15.18 -10.70 8.63
N MET B 162 -16.43 -10.26 8.82
CA MET B 162 -17.59 -11.20 8.85
C MET B 162 -18.54 -10.85 7.73
N HIS B 163 -19.21 -11.86 7.20
CA HIS B 163 -20.19 -11.65 6.11
C HIS B 163 -21.34 -12.64 6.28
N SER B 164 -22.55 -12.17 6.04
CA SER B 164 -23.72 -13.08 6.01
C SER B 164 -24.37 -12.97 4.63
N GLN B 165 -24.41 -14.04 3.83
CA GLN B 165 -25.07 -13.90 2.50
C GLN B 165 -26.59 -13.89 2.70
N SER B 166 -27.08 -14.40 3.82
CA SER B 166 -28.55 -14.45 4.12
C SER B 166 -29.14 -13.05 4.25
N THR B 167 -28.38 -12.11 4.82
CA THR B 167 -28.84 -10.73 5.09
C THR B 167 -28.05 -9.74 4.23
N ASN B 168 -27.11 -10.22 3.41
CA ASN B 168 -26.29 -9.35 2.55
C ASN B 168 -25.57 -8.30 3.41
N GLN B 169 -24.94 -8.76 4.47
CA GLN B 169 -24.23 -7.80 5.38
C GLN B 169 -22.74 -8.16 5.44
N LEU B 170 -21.92 -7.13 5.32
CA LEU B 170 -20.45 -7.23 5.43
C LEU B 170 -20.03 -6.37 6.59
N ASP B 171 -19.30 -6.97 7.52
CA ASP B 171 -18.81 -6.23 8.71
C ASP B 171 -17.28 -6.25 8.67
N VAL B 172 -16.65 -5.17 8.23
CA VAL B 172 -15.17 -5.10 8.08
C VAL B 172 -14.55 -4.60 9.39
N GLY B 173 -15.38 -4.23 10.36
CA GLY B 173 -14.88 -3.79 11.67
C GLY B 173 -14.26 -2.43 11.56
N ASN B 174 -13.70 -2.00 12.69
CA ASN B 174 -13.04 -0.70 12.86
C ASN B 174 -11.67 -1.02 13.46
N ASN B 175 -10.72 -1.34 12.63
CA ASN B 175 -9.36 -1.63 13.14
C ASN B 175 -8.37 -1.16 12.10
N PRO B 176 -7.51 -0.19 12.44
CA PRO B 176 -6.49 0.31 11.50
C PRO B 176 -5.29 -0.63 11.38
N ARG B 177 -5.23 -1.64 12.26
CA ARG B 177 -4.22 -2.72 12.14
C ARG B 177 -4.25 -3.24 10.72
N VAL B 178 -3.08 -3.63 10.20
CA VAL B 178 -2.94 -4.38 8.92
C VAL B 178 -2.23 -5.70 9.20
N GLY B 179 -2.34 -6.57 8.22
CA GLY B 179 -1.73 -7.90 8.35
C GLY B 179 -0.21 -7.86 8.46
N THR B 180 0.35 -8.97 8.87
CA THR B 180 1.81 -9.14 8.96
C THR B 180 2.40 -8.94 7.59
N LYS B 181 3.40 -8.05 7.48
CA LYS B 181 3.82 -7.60 6.13
C LYS B 181 4.34 -8.75 5.28
N ARG B 182 5.09 -9.67 5.85
CA ARG B 182 5.71 -10.77 5.10
C ARG B 182 4.68 -11.65 4.39
N TYR B 183 3.44 -11.70 4.93
CA TYR B 183 2.38 -12.60 4.43
C TYR B 183 1.31 -11.88 3.62
N MET B 184 1.50 -10.57 3.33
CA MET B 184 0.47 -9.78 2.64
C MET B 184 0.42 -10.14 1.16
N ALA B 185 -0.79 -10.42 0.64
CA ALA B 185 -1.05 -10.69 -0.75
C ALA B 185 -0.70 -9.50 -1.64
N PRO B 186 -0.48 -9.72 -2.92
CA PRO B 186 -0.12 -8.61 -3.82
C PRO B 186 -1.13 -7.46 -3.73
N GLU B 187 -2.41 -7.76 -3.77
CA GLU B 187 -3.49 -6.73 -3.77
C GLU B 187 -3.55 -6.00 -2.44
N VAL B 188 -3.02 -6.56 -1.38
CA VAL B 188 -2.88 -5.84 -0.10
C VAL B 188 -1.67 -4.90 -0.20
N LEU B 189 -0.56 -5.39 -0.72
CA LEU B 189 0.68 -4.60 -0.78
C LEU B 189 0.53 -3.48 -1.81
N ASP B 190 -0.24 -3.63 -2.84
CA ASP B 190 -0.36 -2.54 -3.85
C ASP B 190 -1.65 -1.78 -3.55
N GLU B 191 -2.40 -2.16 -2.53
CA GLU B 191 -3.58 -1.43 -2.02
C GLU B 191 -4.66 -1.34 -3.09
N THR B 192 -4.76 -2.27 -4.02
CA THR B 192 -5.85 -2.31 -4.99
C THR B 192 -6.98 -3.25 -4.52
N ILE B 193 -6.79 -3.99 -3.43
CA ILE B 193 -7.85 -4.87 -2.91
C ILE B 193 -9.19 -4.14 -2.86
N GLN B 194 -10.24 -4.88 -3.22
CA GLN B 194 -11.63 -4.37 -3.26
C GLN B 194 -12.21 -4.48 -1.86
N VAL B 195 -12.20 -3.41 -1.10
CA VAL B 195 -12.46 -3.46 0.36
C VAL B 195 -13.92 -3.75 0.71
N ASP B 196 -14.85 -3.62 -0.25
CA ASP B 196 -16.29 -3.83 0.03
C ASP B 196 -16.71 -5.20 -0.49
N CYS B 197 -15.75 -6.09 -0.79
CA CYS B 197 -16.00 -7.42 -1.36
CA CYS B 197 -16.07 -7.44 -1.32
C CYS B 197 -15.52 -8.50 -0.38
N PHE B 198 -16.41 -9.26 0.21
CA PHE B 198 -16.01 -10.29 1.19
C PHE B 198 -15.07 -11.30 0.54
N ASP B 199 -15.30 -11.71 -0.71
CA ASP B 199 -14.45 -12.72 -1.33
C ASP B 199 -13.00 -12.22 -1.38
N SER B 200 -12.81 -10.91 -1.52
CA SER B 200 -11.41 -10.37 -1.53
C SER B 200 -10.67 -10.82 -0.29
N TYR B 201 -11.28 -10.74 0.86
CA TYR B 201 -10.60 -11.08 2.13
C TYR B 201 -10.32 -12.57 2.20
N LYS B 202 -11.26 -13.40 1.75
CA LYS B 202 -10.99 -14.86 1.76
C LYS B 202 -9.77 -15.12 0.89
N ARG B 203 -9.63 -14.42 -0.25
CA ARG B 203 -8.53 -14.68 -1.18
C ARG B 203 -7.19 -14.23 -0.58
N VAL B 204 -7.20 -13.24 0.29
CA VAL B 204 -5.98 -12.85 1.02
C VAL B 204 -5.58 -13.98 1.98
N ASP B 205 -6.52 -14.62 2.64
CA ASP B 205 -6.23 -15.76 3.52
C ASP B 205 -5.63 -16.90 2.71
N ILE B 206 -6.13 -17.14 1.51
CA ILE B 206 -5.61 -18.22 0.66
C ILE B 206 -4.14 -17.99 0.31
N TRP B 207 -3.81 -16.77 -0.10
CA TRP B 207 -2.41 -16.41 -0.34
C TRP B 207 -1.56 -16.80 0.87
N ALA B 208 -1.95 -16.33 2.04
CA ALA B 208 -1.17 -16.53 3.27
C ALA B 208 -1.11 -18.03 3.56
N PHE B 209 -2.21 -18.74 3.36
CA PHE B 209 -2.16 -20.19 3.63
CA PHE B 209 -2.22 -20.21 3.58
C PHE B 209 -1.14 -20.84 2.71
N GLY B 210 -1.06 -20.42 1.44
CA GLY B 210 -0.02 -21.01 0.58
C GLY B 210 1.35 -20.80 1.14
N LEU B 211 1.62 -19.62 1.70
CA LEU B 211 2.93 -19.35 2.31
C LEU B 211 3.16 -20.29 3.50
N VAL B 212 2.17 -20.52 4.35
CA VAL B 212 2.29 -21.44 5.49
C VAL B 212 2.53 -22.86 4.95
N LEU B 213 1.82 -23.27 3.90
N LEU B 213 1.85 -23.25 3.88
CA LEU B 213 2.05 -24.62 3.28
CA LEU B 213 2.03 -24.61 3.34
C LEU B 213 3.53 -24.74 2.95
C LEU B 213 3.46 -24.78 2.83
N TRP B 214 4.07 -23.74 2.28
CA TRP B 214 5.49 -23.76 1.87
C TRP B 214 6.37 -23.88 3.12
N GLU B 215 6.11 -23.13 4.19
CA GLU B 215 6.95 -23.17 5.39
C GLU B 215 6.98 -24.59 5.96
N VAL B 216 5.83 -25.23 5.96
CA VAL B 216 5.67 -26.60 6.54
C VAL B 216 6.39 -27.58 5.61
N ALA B 217 6.06 -27.55 4.33
CA ALA B 217 6.58 -28.55 3.38
C ALA B 217 8.09 -28.57 3.37
N ARG B 218 8.75 -27.44 3.55
CA ARG B 218 10.23 -27.39 3.60
C ARG B 218 10.75 -28.31 4.69
N ARG B 219 10.01 -28.49 5.77
CA ARG B 219 10.46 -29.28 6.92
C ARG B 219 10.06 -30.74 6.76
N MET B 220 9.43 -31.17 5.69
CA MET B 220 9.06 -32.59 5.49
C MET B 220 10.24 -33.28 4.81
N VAL B 221 10.76 -34.36 5.42
CA VAL B 221 11.93 -35.05 4.82
C VAL B 221 11.48 -35.87 3.61
N SER B 222 12.30 -35.87 2.57
CA SER B 222 12.12 -36.84 1.45
C SER B 222 13.51 -37.25 1.00
N ASN B 223 13.69 -38.57 0.82
CA ASN B 223 14.97 -39.08 0.27
C ASN B 223 16.17 -38.55 1.09
N GLY B 224 16.00 -38.43 2.40
CA GLY B 224 17.06 -38.03 3.33
C GLY B 224 17.39 -36.55 3.27
N ILE B 225 16.57 -35.72 2.61
CA ILE B 225 16.87 -34.27 2.39
C ILE B 225 15.72 -33.50 3.07
N VAL B 226 16.09 -32.40 3.69
CA VAL B 226 15.08 -31.45 4.25
C VAL B 226 15.67 -30.07 4.13
N GLU B 227 14.85 -29.03 4.02
CA GLU B 227 15.34 -27.65 4.09
C GLU B 227 15.30 -27.13 5.54
N ASP B 228 16.19 -26.20 5.84
CA ASP B 228 16.13 -25.48 7.12
C ASP B 228 14.84 -24.65 7.15
N TYR B 229 14.33 -24.41 8.34
CA TYR B 229 13.22 -23.46 8.51
C TYR B 229 13.67 -22.10 7.97
N LYS B 230 12.80 -21.50 7.16
CA LYS B 230 12.94 -20.09 6.75
C LYS B 230 11.53 -19.50 6.65
N PRO B 231 11.37 -18.22 6.97
CA PRO B 231 10.08 -17.56 6.77
C PRO B 231 9.96 -17.20 5.29
N PRO B 232 8.72 -16.99 4.81
CA PRO B 232 8.51 -16.59 3.43
C PRO B 232 9.31 -15.33 3.07
N PHE B 233 9.92 -15.45 1.91
CA PHE B 233 10.71 -14.36 1.26
C PHE B 233 11.99 -14.06 2.04
N TYR B 234 12.49 -14.96 2.89
CA TYR B 234 13.69 -14.77 3.72
C TYR B 234 14.87 -14.31 2.82
N ASP B 235 14.95 -14.77 1.58
CA ASP B 235 16.15 -14.61 0.71
C ASP B 235 16.15 -13.28 -0.06
N VAL B 236 15.01 -12.56 -0.13
CA VAL B 236 14.83 -11.47 -1.13
C VAL B 236 14.50 -10.15 -0.45
N VAL B 237 14.26 -10.12 0.84
CA VAL B 237 13.94 -8.86 1.55
C VAL B 237 14.93 -8.66 2.68
N PRO B 238 15.12 -7.41 3.13
CA PRO B 238 15.82 -7.14 4.37
C PRO B 238 15.23 -7.87 5.56
N ASN B 239 16.04 -8.00 6.61
CA ASN B 239 15.51 -8.35 7.94
C ASN B 239 14.46 -7.30 8.35
N ASP B 240 13.41 -7.74 8.98
CA ASP B 240 12.38 -6.85 9.52
C ASP B 240 11.84 -6.04 8.34
N PRO B 241 11.36 -6.70 7.27
CA PRO B 241 10.95 -6.02 6.06
C PRO B 241 9.80 -5.02 6.28
N SER B 242 9.91 -3.89 5.59
CA SER B 242 8.84 -2.87 5.53
C SER B 242 7.75 -3.31 4.53
N PHE B 243 6.63 -2.61 4.62
CA PHE B 243 5.55 -2.74 3.65
C PHE B 243 6.12 -2.56 2.25
N GLU B 244 6.93 -1.50 1.99
CA GLU B 244 7.44 -1.26 0.65
C GLU B 244 8.47 -2.32 0.23
N ASP B 245 9.21 -2.88 1.18
CA ASP B 245 10.16 -4.00 0.87
C ASP B 245 9.35 -5.16 0.27
N MET B 246 8.22 -5.48 0.95
CA MET B 246 7.38 -6.60 0.50
C MET B 246 6.70 -6.29 -0.81
N ARG B 247 6.19 -5.06 -0.97
CA ARG B 247 5.60 -4.64 -2.25
C ARG B 247 6.62 -4.82 -3.41
N LYS B 248 7.88 -4.44 -3.17
CA LYS B 248 8.91 -4.58 -4.22
C LYS B 248 8.98 -6.04 -4.69
N VAL B 249 9.11 -6.96 -3.75
CA VAL B 249 9.40 -8.35 -4.18
C VAL B 249 8.13 -9.02 -4.71
N VAL B 250 7.00 -8.79 -4.09
CA VAL B 250 5.74 -9.51 -4.45
C VAL B 250 5.14 -8.87 -5.69
N CYS B 251 5.03 -7.56 -5.71
CA CYS B 251 4.28 -6.84 -6.76
C CYS B 251 5.20 -6.46 -7.93
N VAL B 252 6.35 -5.83 -7.66
CA VAL B 252 7.23 -5.30 -8.73
C VAL B 252 7.99 -6.48 -9.34
N ASP B 253 8.61 -7.32 -8.51
CA ASP B 253 9.55 -8.39 -8.94
C ASP B 253 8.77 -9.68 -9.21
N GLN B 254 7.50 -9.72 -8.88
CA GLN B 254 6.58 -10.91 -9.07
C GLN B 254 7.17 -12.16 -8.44
N GLN B 255 7.83 -12.02 -7.31
CA GLN B 255 8.51 -13.13 -6.62
C GLN B 255 7.47 -14.02 -5.96
N ARG B 256 7.74 -15.32 -5.99
CA ARG B 256 7.02 -16.32 -5.19
C ARG B 256 8.05 -17.19 -4.51
N PRO B 257 7.73 -17.85 -3.39
CA PRO B 257 8.70 -18.73 -2.76
C PRO B 257 9.15 -19.80 -3.76
N ASN B 258 10.45 -20.05 -3.73
CA ASN B 258 11.04 -21.05 -4.64
C ASN B 258 10.64 -22.45 -4.14
N ILE B 259 10.44 -23.32 -5.09
CA ILE B 259 10.18 -24.76 -4.83
C ILE B 259 11.51 -25.48 -4.95
N PRO B 260 12.03 -26.08 -3.88
CA PRO B 260 13.27 -26.85 -3.96
C PRO B 260 13.08 -27.97 -4.97
N ASN B 261 14.06 -28.20 -5.85
CA ASN B 261 13.90 -29.24 -6.88
C ASN B 261 13.80 -30.64 -6.23
N ARG B 262 14.32 -30.86 -5.04
CA ARG B 262 14.20 -32.20 -4.40
C ARG B 262 12.72 -32.57 -4.20
N TRP B 263 11.82 -31.61 -4.09
CA TRP B 263 10.39 -31.94 -3.90
C TRP B 263 9.85 -32.79 -5.06
N PHE B 264 10.35 -32.59 -6.27
CA PHE B 264 9.74 -33.18 -7.48
C PHE B 264 10.02 -34.69 -7.52
N SER B 265 10.92 -35.20 -6.67
CA SER B 265 11.14 -36.66 -6.52
C SER B 265 10.08 -37.31 -5.63
N ASP B 266 9.33 -36.55 -4.83
CA ASP B 266 8.39 -37.08 -3.82
C ASP B 266 6.96 -36.74 -4.22
N PRO B 267 6.04 -37.72 -4.33
CA PRO B 267 4.71 -37.42 -4.86
C PRO B 267 3.96 -36.44 -3.96
N THR B 268 4.15 -36.55 -2.66
CA THR B 268 3.45 -35.71 -1.67
C THR B 268 3.89 -34.26 -1.86
N LEU B 269 5.19 -34.03 -1.88
CA LEU B 269 5.68 -32.65 -2.02
C LEU B 269 5.39 -32.12 -3.41
N THR B 270 5.38 -32.97 -4.42
CA THR B 270 4.97 -32.51 -5.78
C THR B 270 3.54 -32.05 -5.71
N SER B 271 2.64 -32.76 -5.08
CA SER B 271 1.21 -32.34 -4.96
C SER B 271 1.11 -31.06 -4.14
N LEU B 272 1.87 -30.94 -3.06
CA LEU B 272 1.80 -29.73 -2.23
C LEU B 272 2.30 -28.52 -3.03
N ALA B 273 3.38 -28.68 -3.81
CA ALA B 273 3.91 -27.56 -4.62
C ALA B 273 2.81 -27.11 -5.58
N LYS B 274 2.07 -28.05 -6.16
CA LYS B 274 0.99 -27.68 -7.10
C LYS B 274 -0.05 -26.87 -6.35
N LEU B 275 -0.37 -27.29 -5.14
CA LEU B 275 -1.41 -26.61 -4.32
C LEU B 275 -0.92 -25.21 -3.97
N MET B 276 0.33 -25.06 -3.51
CA MET B 276 0.89 -23.73 -3.16
C MET B 276 0.73 -22.78 -4.33
N LYS B 277 1.11 -23.27 -5.51
CA LYS B 277 1.10 -22.37 -6.67
C LYS B 277 -0.31 -21.90 -6.94
N GLU B 278 -1.31 -22.71 -6.68
CA GLU B 278 -2.71 -22.33 -6.94
C GLU B 278 -3.25 -21.42 -5.84
N CYS B 279 -2.45 -21.14 -4.80
CA CYS B 279 -2.78 -20.12 -3.78
C CYS B 279 -2.13 -18.77 -4.12
N TRP B 280 -1.20 -18.73 -5.07
CA TRP B 280 -0.26 -17.61 -5.32
C TRP B 280 -0.52 -16.88 -6.63
N TYR B 281 -1.60 -17.17 -7.32
CA TYR B 281 -1.91 -16.39 -8.53
C TYR B 281 -1.98 -14.91 -8.18
N GLN B 282 -1.46 -14.02 -9.04
CA GLN B 282 -1.65 -12.58 -8.83
C GLN B 282 -3.14 -12.27 -8.95
N ASN B 283 -3.86 -12.90 -9.87
CA ASN B 283 -5.34 -12.74 -10.00
C ASN B 283 -6.01 -13.39 -8.79
N PRO B 284 -6.59 -12.61 -7.85
CA PRO B 284 -7.11 -13.26 -6.63
C PRO B 284 -8.21 -14.28 -6.95
N SER B 285 -9.02 -14.02 -7.97
N SER B 285 -9.01 -14.02 -7.99
CA SER B 285 -10.17 -14.89 -8.33
CA SER B 285 -10.17 -14.90 -8.34
C SER B 285 -9.72 -16.24 -8.90
C SER B 285 -9.72 -16.25 -8.90
N ALA B 286 -8.45 -16.38 -9.30
CA ALA B 286 -7.88 -17.63 -9.80
C ALA B 286 -7.52 -18.58 -8.67
N ARG B 287 -7.32 -18.03 -7.47
CA ARG B 287 -6.85 -18.83 -6.32
C ARG B 287 -7.91 -19.87 -5.93
N LEU B 288 -7.44 -21.00 -5.42
CA LEU B 288 -8.31 -22.07 -4.86
C LEU B 288 -9.10 -21.56 -3.66
N THR B 289 -10.24 -22.17 -3.39
CA THR B 289 -10.99 -21.91 -2.14
C THR B 289 -10.45 -22.79 -1.03
N ALA B 290 -10.73 -22.39 0.22
CA ALA B 290 -10.34 -23.15 1.40
C ALA B 290 -10.98 -24.55 1.33
N LEU B 291 -12.23 -24.62 0.92
CA LEU B 291 -12.89 -25.95 0.82
C LEU B 291 -12.16 -26.83 -0.20
N ARG B 292 -11.78 -26.30 -1.34
CA ARG B 292 -11.09 -27.08 -2.37
C ARG B 292 -9.73 -27.52 -1.85
N ILE B 293 -9.03 -26.64 -1.10
CA ILE B 293 -7.75 -27.04 -0.52
C ILE B 293 -7.97 -28.21 0.43
N LYS B 294 -8.94 -28.07 1.33
CA LYS B 294 -9.24 -29.15 2.30
C LYS B 294 -9.53 -30.47 1.55
N LYS B 295 -10.33 -30.41 0.49
CA LYS B 295 -10.71 -31.65 -0.24
C LYS B 295 -9.46 -32.23 -0.89
N THR B 296 -8.61 -31.40 -1.49
CA THR B 296 -7.36 -31.86 -2.15
C THR B 296 -6.44 -32.52 -1.11
N LEU B 297 -6.25 -31.89 0.04
CA LEU B 297 -5.33 -32.44 1.07
C LEU B 297 -5.90 -33.72 1.68
N THR B 298 -7.22 -33.88 1.66
CA THR B 298 -7.88 -35.09 2.17
C THR B 298 -7.53 -36.25 1.24
N LYS B 299 -7.36 -35.99 -0.05
CA LYS B 299 -7.06 -37.02 -1.08
C LYS B 299 -5.55 -37.32 -1.21
N ILE B 300 -4.67 -36.37 -0.85
CA ILE B 300 -3.18 -36.53 -0.98
C ILE B 300 -2.72 -37.47 0.14
N ASP B 301 -1.71 -38.30 -0.15
CA ASP B 301 -1.03 -39.18 0.86
C ASP B 301 0.47 -39.21 0.54
C10 LU8 C . 15.31 23.68 -8.74
C10 LU8 C . 14.82 23.60 -9.00
C13 LU8 C . 16.02 24.85 -12.40
C13 LU8 C . 15.01 24.58 -12.70
C15 LU8 C . 18.17 25.21 -13.72
C15 LU8 C . 17.02 25.14 -14.19
C17 LU8 C . 20.76 25.43 -14.12
C17 LU8 C . 18.14 27.01 -15.49
C20 LU8 C . 19.23 24.46 -15.83
C20 LU8 C . 16.45 25.71 -16.56
C21 LU8 C . 18.54 23.97 -14.54
C21 LU8 C . 15.96 25.08 -15.26
C22 LU8 C . 18.07 24.47 -11.31
C22 LU8 C . 17.20 24.53 -11.80
C24 LU8 C . 14.09 24.17 -8.21
C24 LU8 C . 13.67 24.10 -8.37
C26 LU8 C . 11.10 23.99 -7.19
C26 LU8 C . 10.77 23.92 -7.03
C01 LU8 C . 12.12 25.83 -2.59
C01 LU8 C . 12.11 25.68 -2.62
C03 LU8 C . 11.05 25.04 -4.65
C03 LU8 C . 10.87 24.97 -4.50
C04 LU8 C . 12.24 24.55 -5.18
C04 LU8 C . 12.05 24.57 -5.12
C05 LU8 C . 12.28 24.07 -6.46
C05 LU8 C . 12.03 24.08 -6.42
C06 LU8 C . 13.58 23.61 -7.03
C06 LU8 C . 13.26 23.60 -7.13
C07 LU8 C . 14.30 22.65 -6.36
C07 LU8 C . 14.08 22.64 -6.51
C09 LU8 C . 15.94 22.67 -8.01
C09 LU8 C . 15.53 22.61 -8.35
C11 LU8 C . 16.01 24.12 -10.03
C11 LU8 C . 15.34 24.03 -10.34
C12 LU8 C . 15.32 24.46 -11.20
C12 LU8 C . 14.49 24.22 -11.45
C14 LU8 C . 17.42 24.83 -12.46
C14 LU8 C . 16.39 24.75 -12.88
C16 LU8 C . 19.48 25.99 -13.47
C16 LU8 C . 17.68 26.53 -14.11
C19 LU8 C . 20.85 26.14 -16.46
C19 LU8 C . 15.95 27.94 -15.63
C23 LU8 C . 17.40 24.13 -10.11
C23 LU8 C . 16.69 24.19 -10.53
C25 LU8 C . 13.34 25.30 -8.92
C25 LU8 C . 12.92 25.23 -9.05
C27 LU8 C . 9.90 24.44 -6.66
C27 LU8 C . 9.60 24.31 -6.39
C29 LU8 C . 8.59 23.80 -8.63
C29 LU8 C . 8.31 23.85 -8.32
C30 LU8 C . 9.89 24.98 -5.40
C30 LU8 C . 9.66 24.86 -5.14
C32 LU8 C . 7.92 24.61 -4.03
C32 LU8 C . 8.17 24.39 -3.48
N08 LU8 C . 15.46 22.21 -6.87
N08 LU8 C . 15.16 22.17 -7.15
N18 LU8 C . 20.57 25.01 -15.54
N18 LU8 C . 16.94 27.08 -16.32
O02 LU8 C . 10.95 25.58 -3.37
O02 LU8 C . 10.84 25.51 -3.22
O28 LU8 C . 8.70 24.39 -7.32
O28 LU8 C . 8.34 24.21 -6.92
O31 LU8 C . 8.71 25.47 -4.87
O31 LU8 C . 8.52 25.25 -4.52
C1 EDO D . 12.98 13.77 -1.67
O1 EDO D . 14.27 13.63 -0.98
C2 EDO D . 13.14 14.65 -2.83
O2 EDO D . 13.73 15.93 -2.59
C1 EDO E . -6.70 17.95 -29.49
O1 EDO E . -6.23 18.57 -30.72
C2 EDO E . -6.45 18.72 -28.23
O2 EDO E . -5.07 19.14 -27.98
C1 EDO F . -21.62 25.69 -22.82
O1 EDO F . -22.46 24.99 -23.74
C2 EDO F . -21.50 27.15 -23.09
O2 EDO F . -20.52 27.54 -24.07
C1 EDO G . 0.17 27.37 -26.35
O1 EDO G . -1.03 26.62 -26.14
C2 EDO G . 0.98 27.11 -27.55
O2 EDO G . 0.34 27.20 -28.83
S DMS H . 19.35 14.45 3.71
O DMS H . 19.08 15.33 4.93
C1 DMS H . 20.47 13.20 4.24
C2 DMS H . 17.90 13.44 3.44
O1 TLA I . 15.92 44.15 5.59
O11 TLA I . 14.90 45.62 6.89
C1 TLA I . 15.04 45.00 5.81
C2 TLA I . 14.07 45.31 4.66
O2 TLA I . 14.78 45.70 3.49
C3 TLA I . 13.05 46.40 5.05
O3 TLA I . 13.67 47.66 5.15
C4 TLA I . 11.88 46.43 4.05
O4 TLA I . 12.09 46.05 2.89
O41 TLA I . 10.78 46.85 4.49
C10 LU8 J . 19.51 23.14 14.22
C13 LU8 J . 17.70 20.34 15.89
C15 LU8 J . 17.39 19.56 18.21
C17 LU8 J . 17.85 17.64 19.79
C20 LU8 J . 16.02 19.10 20.26
C21 LU8 J . 16.57 20.19 19.30
C22 LU8 J . 18.82 21.61 17.55
C24 LU8 J . 18.72 23.88 13.33
C26 LU8 J . 17.75 26.71 12.31
C01 LU8 J . 18.70 25.78 7.42
C03 LU8 J . 18.06 26.82 9.52
C04 LU8 J . 18.71 25.85 10.20
C05 LU8 J . 18.57 25.75 11.59
C06 LU8 J . 19.27 24.75 12.47
C07 LU8 J . 20.65 24.98 12.52
C09 LU8 J . 20.88 23.39 14.18
C11 LU8 J . 19.00 22.21 15.19
C12 LU8 J . 18.19 21.15 14.89
C14 LU8 J . 18.00 20.55 17.24
C16 LU8 J . 18.44 18.68 18.82
C19 LU8 J . 16.64 17.34 21.85
C23 LU8 J . 19.30 22.43 16.53
C25 LU8 J . 17.25 23.62 13.28
C27 LU8 J . 17.08 27.69 11.57
C29 LU8 J . 15.97 28.49 13.52
C30 LU8 J . 17.25 27.75 10.20
C32 LU8 J . 15.45 28.32 8.75
N08 LU8 J . 21.41 24.25 13.33
N18 LU8 J . 17.14 18.33 20.87
O02 LU8 J . 18.11 26.91 8.14
O28 LU8 J . 16.29 28.69 12.13
O31 LU8 J . 16.67 28.73 9.45
C10 LU8 K . 19.91 18.06 14.39
C13 LU8 K . 19.24 15.47 17.00
C15 LU8 K . 17.27 14.31 17.91
C17 LU8 K . 17.12 11.88 18.60
C20 LU8 K . 15.29 13.47 19.24
C21 LU8 K . 15.79 14.42 18.13
C22 LU8 K . 17.10 16.01 16.04
C24 LU8 K . 19.73 18.25 13.00
C26 LU8 K . 18.98 20.01 10.34
C01 LU8 K . 22.64 17.69 7.91
C03 LU8 K . 20.73 18.92 8.52
C04 LU8 K . 21.00 18.84 9.87
C05 LU8 K . 20.17 19.38 10.81
C06 LU8 K . 20.41 19.21 12.28
C07 LU8 K . 21.29 20.05 12.96
C09 LU8 K . 20.82 18.97 14.95
C11 LU8 K . 19.24 17.07 15.25
C12 LU8 K . 19.94 16.35 16.23
C14 LU8 K . 17.83 15.29 16.96
C16 LU8 K . 17.60 12.89 17.54
C19 LU8 K . 17.10 12.95 20.85
C23 LU8 K . 17.81 16.88 15.22
C25 LU8 K . 18.85 17.32 12.22
C27 LU8 K . 18.78 20.16 9.03
C29 LU8 K . 16.75 21.45 9.35
C30 LU8 K . 19.57 19.55 8.10
C32 LU8 K . 19.60 20.66 5.94
N08 LU8 K . 21.48 19.88 14.28
N18 LU8 K . 16.28 12.44 19.70
O02 LU8 K . 21.48 18.43 7.49
O28 LU8 K . 17.65 20.73 8.49
O31 LU8 K . 19.28 19.60 6.78
S SO4 L . 19.51 14.70 -6.71
O1 SO4 L . 18.78 14.54 -5.51
O2 SO4 L . 19.79 13.43 -7.32
O3 SO4 L . 18.74 15.51 -7.63
O4 SO4 L . 20.79 15.41 -6.51
S SO4 M . -0.39 11.58 -36.33
O1 SO4 M . -1.10 10.35 -36.04
O2 SO4 M . 0.98 11.34 -36.42
O3 SO4 M . -0.70 12.54 -35.29
O4 SO4 M . -0.85 12.19 -37.59
S SO4 N . 0.54 28.71 -19.88
O1 SO4 N . -0.23 27.52 -19.56
O2 SO4 N . 0.52 28.96 -21.35
O3 SO4 N . 1.93 28.59 -19.46
O4 SO4 N . -0.04 29.82 -19.18
C1 EDO O . 5.09 10.28 5.70
O1 EDO O . 5.33 10.92 4.47
C2 EDO O . 3.95 10.85 6.46
O2 EDO O . 4.31 11.01 7.78
C1 EDO P . 17.09 22.81 22.03
O1 EDO P . 17.76 23.03 23.25
C2 EDO P . 17.76 23.49 20.89
O2 EDO P . 19.14 23.22 20.83
C1 EDO Q . 5.66 2.35 -37.32
O1 EDO Q . 5.83 0.95 -37.14
C2 EDO Q . 5.98 3.20 -36.12
O2 EDO Q . 6.56 4.44 -36.41
C1 EDO R . 4.85 32.42 -13.38
O1 EDO R . 5.05 33.71 -13.93
C2 EDO R . 3.54 32.38 -12.70
O2 EDO R . 3.64 31.93 -11.35
C1 EDO S . 3.53 19.47 -33.91
O1 EDO S . 2.11 19.52 -34.04
C2 EDO S . 4.00 18.76 -32.69
O2 EDO S . 3.65 17.37 -32.61
C10 LU8 T . 0.99 -20.28 23.32
C13 LU8 T . 4.47 -21.30 24.49
C15 LU8 T . 6.74 -21.12 23.58
C17 LU8 T . 8.85 -21.30 22.20
C20 LU8 T . 8.86 -19.88 24.28
C21 LU8 T . 7.34 -19.81 24.05
C22 LU8 T . 4.70 -20.25 22.34
C24 LU8 T . 0.37 -19.09 22.88
C26 LU8 T . -1.58 -17.45 21.06
C01 LU8 T . -4.64 -15.94 24.76
C03 LU8 T . -3.43 -16.20 22.67
C04 LU8 T . -2.77 -17.29 23.17
C05 LU8 T . -1.83 -17.93 22.39
C06 LU8 T . -1.07 -19.12 22.92
C07 LU8 T . -1.78 -20.21 23.35
C09 LU8 T . 0.21 -21.31 23.74
C11 LU8 T . 2.50 -20.44 23.37
C12 LU8 T . 3.08 -21.11 24.46
C14 LU8 T . 5.26 -20.86 23.47
C16 LU8 T . 7.33 -21.53 22.24
C19 LU8 T . 10.89 -20.49 23.21
C23 LU8 T . 3.31 -20.04 22.34
C25 LU8 T . 1.13 -17.84 22.46
C27 LU8 T . -2.32 -16.37 20.59
C29 LU8 T . -1.15 -16.44 18.51
C30 LU8 T . -3.22 -15.73 21.38
C32 LU8 T . -5.19 -14.84 20.44
N08 LU8 T . -1.12 -21.34 23.78
N18 LU8 T . 9.48 -20.92 23.48
O02 LU8 T . -4.42 -15.52 23.39
O28 LU8 T . -2.15 -15.84 19.32
O31 LU8 T . -3.89 -14.61 20.94
S SO4 U . -3.11 -29.62 23.73
O1 SO4 U . -2.64 -29.71 25.09
O2 SO4 U . -3.12 -30.91 23.11
O3 SO4 U . -4.48 -29.10 23.70
O4 SO4 U . -2.23 -28.70 23.04
C1 EDO V . 11.87 -16.09 -4.45
O1 EDO V . 13.39 -16.05 -4.38
C2 EDO V . 11.23 -15.51 -3.25
O2 EDO V . 11.65 -16.01 -1.92
S DMS W . -15.62 -32.87 -5.66
O DMS W . -14.38 -32.92 -4.79
C1 DMS W . -16.57 -31.48 -5.11
C2 DMS W . -15.12 -32.25 -7.25
O01 XH4 X . 2.34 -7.24 -10.63
C02 XH4 X . 1.91 -5.92 -10.75
C03 XH4 X . 2.18 -5.40 -9.38
C04 XH4 X . 0.92 -5.35 -8.51
C05 XH4 X . 0.92 -4.16 -8.02
N06 XH4 X . 2.04 -3.31 -8.51
N07 XH4 X . 2.73 -3.96 -9.38
O01 XH4 Y . 20.03 -26.98 -8.21
C02 XH4 Y . 18.73 -27.37 -7.82
C03 XH4 Y . 18.56 -26.85 -6.43
C04 XH4 Y . 17.58 -27.77 -5.73
C05 XH4 Y . 16.58 -26.99 -5.59
N06 XH4 Y . 17.31 -25.65 -5.39
N07 XH4 Y . 17.90 -25.48 -6.49
S SO4 Z . 4.72 -6.81 11.10
O1 SO4 Z . 5.04 -7.90 11.98
O2 SO4 Z . 4.71 -7.30 9.80
O3 SO4 Z . 3.42 -6.28 11.44
O4 SO4 Z . 5.77 -5.79 11.20
C1 EDO AA . -8.77 -25.88 19.73
O1 EDO AA . -10.24 -25.78 19.55
C2 EDO AA . -8.35 -25.62 21.15
O2 EDO AA . -7.73 -24.57 21.57
C1 EDO BA . -1.77 -14.28 -12.45
O1 EDO BA . -3.02 -14.82 -12.05
C2 EDO BA . -0.77 -15.34 -12.75
O2 EDO BA . 0.04 -15.65 -11.64
C1 EDO CA . 16.43 -36.37 8.57
O1 EDO CA . 16.44 -37.23 7.43
C2 EDO CA . 17.10 -35.10 8.24
O2 EDO CA . 17.57 -35.12 6.89
#